data_4MUX
#
_entry.id   4MUX
#
_cell.length_a   69.780
_cell.length_b   80.820
_cell.length_c   111.250
_cell.angle_alpha   90.00
_cell.angle_beta   90.00
_cell.angle_gamma   90.00
#
_symmetry.space_group_name_H-M   'P 21 21 21'
#
loop_
_entity.id
_entity.type
_entity.pdbx_description
1 polymer '4-hydroxy-3-methylbut-2-enyl diphosphate reductase'
2 non-polymer 'IRON/SULFUR CLUSTER'
3 non-polymer 'pyridin-3-ylmethyl trihydrogen diphosphate'
4 water water
#
_entity_poly.entity_id   1
_entity_poly.type   'polypeptide(L)'
_entity_poly.pdbx_seq_one_letter_code
;MRGSHHHHHHGSMQILLANPRGFCAGVDRAISIVENALAIYGAPIYVRHEVVHNRYVVDSLRERGAIFIEQISEVPDGAI
LIFSAHGVSQAVRNEAKSRDLTVFDATCPLVTKVHMEVARASRRGEESILIGHAGHPEVEGTMGQYSNPEGGMYLVESPD
DVWKLTVKNEEKLSFMTQTTLSVDDTSDVIDALRKRFPKIVGPRKDDICYATTNRQEAVRALAEQAEVVLVVGSKNSSNS
NRLAELAQRMGKRAFLIDDAKDIQEEWVKEVKCVGVTAGASAPDILVQNVVARLQQLGGGEAIPLEGREENIVFEVPKEL
RVDIREV
;
_entity_poly.pdbx_strand_id   A,B
#
loop_
_chem_comp.id
_chem_comp.type
_chem_comp.name
_chem_comp.formula
2E4 non-polymer 'pyridin-3-ylmethyl trihydrogen diphosphate' 'C6 H9 N O7 P2'
SF4 non-polymer 'IRON/SULFUR CLUSTER' 'Fe4 S4'
#
# COMPACT_ATOMS: atom_id res chain seq x y z
N MET A 13 -25.16 -6.00 -30.63
CA MET A 13 -24.39 -6.44 -29.42
C MET A 13 -23.73 -5.26 -28.67
N GLN A 14 -23.93 -5.23 -27.35
CA GLN A 14 -23.41 -4.18 -26.49
C GLN A 14 -22.09 -4.71 -25.94
N ILE A 15 -21.03 -3.90 -26.00
CA ILE A 15 -19.74 -4.28 -25.40
C ILE A 15 -19.54 -3.48 -24.12
N LEU A 16 -19.31 -4.19 -23.01
CA LEU A 16 -19.01 -3.56 -21.71
C LEU A 16 -17.58 -3.82 -21.29
N LEU A 17 -16.91 -2.82 -20.72
CA LEU A 17 -15.60 -3.01 -20.14
C LEU A 17 -15.67 -2.95 -18.62
N ALA A 18 -15.00 -3.90 -17.99
CA ALA A 18 -14.90 -3.97 -16.53
C ALA A 18 -13.96 -2.89 -16.07
N ASN A 19 -14.27 -2.37 -14.90
CA ASN A 19 -13.45 -1.40 -14.26
C ASN A 19 -13.30 -1.57 -12.76
N PRO A 20 -12.07 -1.74 -12.25
CA PRO A 20 -10.79 -1.77 -12.94
C PRO A 20 -10.48 -3.00 -13.76
N ARG A 21 -9.45 -2.84 -14.61
CA ARG A 21 -8.94 -3.95 -15.41
C ARG A 21 -7.51 -3.66 -15.79
N GLY A 22 -6.78 -4.69 -16.19
CA GLY A 22 -5.50 -4.47 -16.71
C GLY A 22 -4.47 -4.15 -15.68
N PHE A 23 -3.40 -3.51 -16.17
CA PHE A 23 -2.20 -3.36 -15.41
C PHE A 23 -2.40 -2.83 -14.03
N CYS A 24 -1.71 -3.44 -13.07
CA CYS A 24 -1.60 -2.94 -11.73
C CYS A 24 -0.29 -2.20 -11.56
N ALA A 25 -0.05 -1.67 -10.34
CA ALA A 25 1.17 -0.96 -10.06
C ALA A 25 2.41 -1.83 -10.07
N GLY A 26 2.33 -3.09 -9.56
CA GLY A 26 3.51 -3.96 -9.54
C GLY A 26 3.98 -4.34 -10.92
N VAL A 27 3.01 -4.52 -11.79
CA VAL A 27 3.33 -4.94 -13.19
C VAL A 27 3.90 -3.76 -13.98
N ASP A 28 3.31 -2.59 -13.84
CA ASP A 28 3.85 -1.39 -14.50
C ASP A 28 5.28 -1.11 -14.08
N ARG A 29 5.56 -1.32 -12.79
CA ARG A 29 6.92 -1.15 -12.25
C ARG A 29 7.92 -2.16 -12.77
N ALA A 30 7.50 -3.42 -12.80
CA ALA A 30 8.38 -4.51 -13.19
C ALA A 30 8.73 -4.43 -14.66
N ILE A 31 7.78 -4.05 -15.48
CA ILE A 31 8.06 -3.95 -16.92
C ILE A 31 8.94 -2.74 -17.18
N SER A 32 8.62 -1.66 -16.50
CA SER A 32 9.50 -0.51 -16.58
C SER A 32 10.91 -0.82 -16.19
N ILE A 33 11.11 -1.64 -15.13
CA ILE A 33 12.46 -2.01 -14.70
C ILE A 33 13.20 -2.72 -15.85
N VAL A 34 12.56 -3.66 -16.49
CA VAL A 34 13.21 -4.35 -17.61
C VAL A 34 13.47 -3.38 -18.80
N GLU A 35 12.48 -2.58 -19.19
CA GLU A 35 12.63 -1.62 -20.27
C GLU A 35 13.78 -0.68 -20.01
N ASN A 36 13.82 -0.10 -18.80
CA ASN A 36 14.83 0.88 -18.47
C ASN A 36 16.19 0.27 -18.40
N ALA A 37 16.27 -0.96 -17.91
CA ALA A 37 17.59 -1.59 -17.88
C ALA A 37 18.11 -1.85 -19.28
N LEU A 38 17.25 -2.34 -20.17
CA LEU A 38 17.58 -2.46 -21.60
C LEU A 38 18.05 -1.13 -22.16
N ALA A 39 17.38 -0.04 -21.78
CA ALA A 39 17.75 1.29 -22.32
C ALA A 39 19.08 1.77 -21.81
N ILE A 40 19.36 1.48 -20.55
CA ILE A 40 20.56 1.97 -19.92
C ILE A 40 21.78 1.07 -20.20
N TYR A 41 21.58 -0.25 -20.16
CA TYR A 41 22.71 -1.18 -20.27
C TYR A 41 22.82 -1.92 -21.62
N GLY A 42 21.89 -1.68 -22.54
CA GLY A 42 21.83 -2.44 -23.80
C GLY A 42 21.50 -3.92 -23.59
N ALA A 43 21.15 -4.62 -24.65
CA ALA A 43 21.01 -6.07 -24.62
C ALA A 43 22.38 -6.74 -24.43
N PRO A 44 22.40 -7.92 -23.82
CA PRO A 44 21.26 -8.61 -23.23
C PRO A 44 21.03 -8.15 -21.79
N ILE A 45 19.79 -8.30 -21.33
CA ILE A 45 19.46 -8.15 -19.90
C ILE A 45 18.82 -9.43 -19.51
N TYR A 46 19.37 -10.07 -18.48
CA TYR A 46 18.82 -11.34 -18.05
C TYR A 46 17.71 -11.11 -17.03
N VAL A 47 16.64 -11.92 -17.13
CA VAL A 47 15.47 -11.86 -16.23
C VAL A 47 15.08 -13.27 -15.74
N ARG A 48 15.08 -13.45 -14.42
CA ARG A 48 14.65 -14.72 -13.84
C ARG A 48 13.12 -14.89 -13.81
N HIS A 49 12.65 -15.78 -14.67
CA HIS A 49 11.27 -16.07 -14.90
C HIS A 49 10.68 -14.94 -15.79
N GLU A 50 9.58 -15.23 -16.47
CA GLU A 50 8.85 -14.24 -17.22
C GLU A 50 8.56 -13.08 -16.29
N VAL A 51 8.79 -11.86 -16.79
CA VAL A 51 8.82 -10.76 -15.85
C VAL A 51 7.46 -10.59 -15.18
N VAL A 52 6.46 -10.75 -16.01
CA VAL A 52 5.10 -10.92 -15.61
C VAL A 52 4.58 -12.03 -16.49
N HIS A 53 3.42 -12.58 -16.14
CA HIS A 53 2.86 -13.71 -16.91
C HIS A 53 1.96 -13.27 -18.10
N ASN A 54 2.59 -12.61 -19.06
CA ASN A 54 1.92 -12.16 -20.26
C ASN A 54 2.84 -12.39 -21.50
N ARG A 55 2.40 -13.29 -22.36
CA ARG A 55 3.11 -13.64 -23.61
C ARG A 55 3.50 -12.43 -24.47
N TYR A 56 2.54 -11.50 -24.64
CA TYR A 56 2.79 -10.30 -25.45
C TYR A 56 3.93 -9.42 -24.86
N VAL A 57 3.87 -9.14 -23.57
CA VAL A 57 4.94 -8.41 -22.88
C VAL A 57 6.28 -9.12 -22.95
N VAL A 58 6.28 -10.39 -22.65
CA VAL A 58 7.49 -11.21 -22.67
C VAL A 58 8.06 -11.34 -24.10
N ASP A 59 7.20 -11.64 -25.08
CA ASP A 59 7.69 -11.77 -26.49
C ASP A 59 8.31 -10.45 -26.93
N SER A 60 7.63 -9.35 -26.56
CA SER A 60 8.12 -8.01 -26.85
C SER A 60 9.52 -7.76 -26.32
N LEU A 61 9.69 -7.98 -25.01
CA LEU A 61 10.96 -7.74 -24.32
C LEU A 61 12.10 -8.65 -24.84
N ARG A 62 11.72 -9.85 -25.26
CA ARG A 62 12.67 -10.81 -25.81
C ARG A 62 13.18 -10.30 -27.17
N GLU A 63 12.26 -9.85 -28.02
CA GLU A 63 12.63 -9.23 -29.30
C GLU A 63 13.56 -8.01 -29.08
N ARG A 64 13.39 -7.25 -27.98
CA ARG A 64 14.33 -6.15 -27.61
C ARG A 64 15.56 -6.58 -26.82
N GLY A 65 15.77 -7.88 -26.63
CA GLY A 65 17.03 -8.35 -26.02
C GLY A 65 17.02 -8.80 -24.55
N ALA A 66 15.86 -8.93 -23.92
CA ALA A 66 15.78 -9.60 -22.64
C ALA A 66 15.90 -11.10 -22.87
N ILE A 67 16.56 -11.79 -21.95
CA ILE A 67 16.65 -13.22 -21.99
C ILE A 67 16.07 -13.75 -20.69
N PHE A 68 15.01 -14.55 -20.81
CA PHE A 68 14.30 -15.13 -19.70
C PHE A 68 14.78 -16.54 -19.38
N ILE A 69 15.12 -16.74 -18.12
CA ILE A 69 15.75 -17.98 -17.65
C ILE A 69 15.10 -18.44 -16.34
N GLU A 70 15.16 -19.74 -16.05
CA GLU A 70 14.65 -20.20 -14.76
C GLU A 70 15.75 -20.29 -13.67
N GLN A 71 16.99 -20.66 -14.02
CA GLN A 71 18.10 -20.79 -13.05
CA GLN A 71 18.08 -20.76 -13.03
C GLN A 71 19.26 -19.79 -13.21
N ILE A 72 19.86 -19.40 -12.09
CA ILE A 72 20.94 -18.41 -12.07
C ILE A 72 22.24 -18.92 -12.74
N SER A 73 22.39 -20.24 -12.77
CA SER A 73 23.53 -20.89 -13.46
C SER A 73 23.48 -20.72 -14.98
N GLU A 74 22.30 -20.39 -15.52
CA GLU A 74 22.13 -20.06 -16.95
C GLU A 74 22.65 -18.67 -17.31
N VAL A 75 22.90 -17.83 -16.31
CA VAL A 75 23.32 -16.46 -16.54
C VAL A 75 24.80 -16.42 -16.50
N PRO A 76 25.43 -15.78 -17.50
CA PRO A 76 26.88 -15.65 -17.53
C PRO A 76 27.36 -14.63 -16.48
N ASP A 77 28.67 -14.65 -16.25
CA ASP A 77 29.37 -13.70 -15.38
C ASP A 77 29.32 -12.27 -15.96
N GLY A 78 29.37 -11.27 -15.08
CA GLY A 78 29.37 -9.85 -15.48
C GLY A 78 28.03 -9.27 -15.92
N ALA A 79 26.96 -10.07 -15.89
CA ALA A 79 25.70 -9.72 -16.50
C ALA A 79 24.88 -8.82 -15.61
N ILE A 80 23.78 -8.30 -16.17
CA ILE A 80 22.70 -7.68 -15.38
C ILE A 80 21.58 -8.71 -15.26
N LEU A 81 21.05 -8.92 -14.05
CA LEU A 81 19.96 -9.88 -13.83
C LEU A 81 18.87 -9.13 -13.10
N ILE A 82 17.62 -9.40 -13.47
CA ILE A 82 16.43 -8.81 -12.86
C ILE A 82 15.56 -9.97 -12.36
N PHE A 83 15.12 -9.91 -11.10
CA PHE A 83 14.13 -10.89 -10.61
C PHE A 83 12.75 -10.47 -11.01
N SER A 84 11.91 -11.43 -11.43
CA SER A 84 10.57 -11.11 -11.84
C SER A 84 9.67 -10.59 -10.74
N ALA A 85 8.50 -10.10 -11.14
CA ALA A 85 7.56 -9.48 -10.21
C ALA A 85 7.03 -10.49 -9.13
N HIS A 86 7.15 -11.76 -9.41
CA HIS A 86 6.61 -12.86 -8.58
C HIS A 86 7.50 -13.08 -7.44
N GLY A 87 8.74 -12.57 -7.50
CA GLY A 87 9.72 -12.74 -6.43
C GLY A 87 10.55 -14.01 -6.52
N VAL A 88 11.47 -14.17 -5.57
CA VAL A 88 12.42 -15.30 -5.57
C VAL A 88 12.77 -15.72 -4.16
N SER A 89 13.08 -17.00 -4.05
CA SER A 89 13.51 -17.60 -2.81
C SER A 89 14.82 -16.99 -2.27
N GLN A 90 15.09 -17.09 -0.96
CA GLN A 90 16.39 -16.66 -0.43
C GLN A 90 17.57 -17.40 -1.08
N ALA A 91 17.40 -18.69 -1.37
CA ALA A 91 18.46 -19.50 -2.01
C ALA A 91 18.87 -18.93 -3.37
N VAL A 92 17.89 -18.50 -4.16
CA VAL A 92 18.07 -17.85 -5.48
C VAL A 92 18.73 -16.50 -5.25
N ARG A 93 18.20 -15.69 -4.34
CA ARG A 93 18.80 -14.40 -4.08
C ARG A 93 20.24 -14.50 -3.64
N ASN A 94 20.53 -15.43 -2.70
CA ASN A 94 21.90 -15.66 -2.27
C ASN A 94 22.78 -16.22 -3.36
N GLU A 95 22.24 -17.13 -4.16
CA GLU A 95 22.95 -17.69 -5.32
C GLU A 95 23.44 -16.58 -6.29
N ALA A 96 22.50 -15.69 -6.68
CA ALA A 96 22.83 -14.46 -7.43
C ALA A 96 23.82 -13.53 -6.71
N LYS A 97 23.64 -13.32 -5.40
CA LYS A 97 24.55 -12.40 -4.65
C LYS A 97 26.02 -12.80 -4.62
N SER A 98 26.27 -14.10 -4.51
CA SER A 98 27.64 -14.61 -4.45
C SER A 98 28.38 -14.33 -5.76
N ARG A 99 27.64 -14.20 -6.85
CA ARG A 99 28.23 -14.04 -8.18
C ARG A 99 28.54 -12.57 -8.51
N ASP A 100 29.30 -12.37 -9.59
CA ASP A 100 29.66 -11.02 -10.06
C ASP A 100 28.45 -10.20 -10.61
N LEU A 101 27.26 -10.80 -10.61
CA LEU A 101 26.10 -10.23 -11.28
C LEU A 101 25.66 -8.87 -10.71
N THR A 102 25.11 -8.01 -11.57
CA THR A 102 24.37 -6.84 -11.11
C THR A 102 22.91 -7.22 -11.07
N VAL A 103 22.31 -7.08 -9.89
CA VAL A 103 20.97 -7.55 -9.66
C VAL A 103 20.06 -6.35 -9.43
N PHE A 104 18.93 -6.34 -10.13
CA PHE A 104 17.80 -5.47 -9.83
C PHE A 104 16.59 -6.33 -9.54
N ASP A 105 15.79 -5.93 -8.57
CA ASP A 105 14.69 -6.72 -8.12
C ASP A 105 13.35 -6.09 -8.57
N ALA A 106 12.64 -6.74 -9.48
CA ALA A 106 11.35 -6.26 -9.88
C ALA A 106 10.21 -6.89 -9.04
N THR A 107 10.54 -7.57 -7.95
CA THR A 107 9.50 -8.19 -7.08
C THR A 107 8.56 -7.12 -6.70
N CYS A 108 7.28 -7.38 -6.78
CA CYS A 108 6.30 -6.43 -6.31
C CYS A 108 6.37 -6.14 -4.81
N PRO A 109 6.36 -4.85 -4.41
CA PRO A 109 6.28 -4.53 -3.02
C PRO A 109 5.23 -5.36 -2.26
N LEU A 110 4.11 -5.70 -2.86
CA LEU A 110 3.06 -6.42 -2.14
C LEU A 110 3.41 -7.90 -1.88
N VAL A 111 4.31 -8.45 -2.70
CA VAL A 111 4.95 -9.77 -2.47
C VAL A 111 5.98 -9.69 -1.43
N THR A 112 6.89 -8.72 -1.57
CA THR A 112 7.91 -8.51 -0.56
C THR A 112 7.33 -8.44 0.85
N LYS A 113 6.22 -7.73 1.02
CA LYS A 113 5.60 -7.58 2.33
C LYS A 113 5.26 -8.95 2.97
N VAL A 114 4.76 -9.87 2.16
CA VAL A 114 4.51 -11.25 2.60
C VAL A 114 5.82 -11.96 2.94
N HIS A 115 6.85 -11.78 2.10
CA HIS A 115 8.15 -12.41 2.31
C HIS A 115 8.69 -12.07 3.70
N MET A 116 8.59 -10.80 4.09
CA MET A 116 9.17 -10.35 5.35
C MET A 116 8.50 -11.05 6.53
N GLU A 117 7.19 -11.32 6.43
CA GLU A 117 6.47 -11.96 7.51
C GLU A 117 6.89 -13.41 7.65
N VAL A 118 7.11 -14.07 6.51
CA VAL A 118 7.65 -15.43 6.50
C VAL A 118 9.02 -15.50 7.10
N ALA A 119 9.90 -14.57 6.75
CA ALA A 119 11.23 -14.55 7.30
C ALA A 119 11.21 -14.31 8.82
N ARG A 120 10.25 -13.51 9.29
CA ARG A 120 10.17 -13.24 10.74
C ARG A 120 9.84 -14.54 11.47
N ALA A 121 8.89 -15.30 10.94
CA ALA A 121 8.51 -16.59 11.52
C ALA A 121 9.68 -17.55 11.53
N SER A 122 10.43 -17.56 10.43
CA SER A 122 11.56 -18.46 10.31
C SER A 122 12.56 -18.18 11.39
N ARG A 123 12.96 -16.92 11.56
CA ARG A 123 13.87 -16.52 12.63
C ARG A 123 13.37 -17.01 13.99
N ARG A 124 12.06 -16.99 14.21
CA ARG A 124 11.53 -17.46 15.49
C ARG A 124 11.35 -18.97 15.57
N GLY A 125 11.83 -19.70 14.58
CA GLY A 125 11.50 -21.11 14.41
C GLY A 125 10.05 -21.47 14.72
N GLU A 126 9.10 -20.61 14.31
CA GLU A 126 7.68 -20.80 14.58
C GLU A 126 7.02 -21.07 13.25
N GLU A 127 6.05 -21.97 13.25
CA GLU A 127 5.57 -22.51 11.98
C GLU A 127 4.59 -21.57 11.25
N SER A 128 4.58 -21.67 9.93
CA SER A 128 3.78 -20.80 9.09
C SER A 128 3.13 -21.67 8.05
N ILE A 129 1.91 -21.29 7.70
CA ILE A 129 1.12 -21.90 6.65
C ILE A 129 0.85 -20.84 5.58
N LEU A 130 1.23 -21.18 4.38
CA LEU A 130 0.88 -20.41 3.19
C LEU A 130 -0.33 -20.98 2.49
N ILE A 131 -1.29 -20.12 2.16
CA ILE A 131 -2.37 -20.47 1.27
C ILE A 131 -1.97 -20.10 -0.18
N GLY A 132 -1.87 -21.09 -1.08
CA GLY A 132 -1.55 -20.74 -2.49
C GLY A 132 -1.56 -21.98 -3.34
N HIS A 133 -1.08 -21.85 -4.56
CA HIS A 133 -1.13 -22.94 -5.54
C HIS A 133 0.25 -23.53 -5.76
N ALA A 134 0.38 -24.84 -5.59
CA ALA A 134 1.66 -25.52 -5.75
C ALA A 134 2.28 -25.20 -7.10
N GLY A 135 3.59 -24.94 -7.11
CA GLY A 135 4.34 -24.79 -8.34
C GLY A 135 4.32 -23.39 -8.94
N HIS A 136 3.59 -22.46 -8.35
CA HIS A 136 3.53 -21.14 -8.90
C HIS A 136 4.78 -20.44 -8.39
N PRO A 137 5.45 -19.59 -9.24
CA PRO A 137 6.68 -19.00 -8.78
C PRO A 137 6.56 -18.13 -7.51
N GLU A 138 5.46 -17.44 -7.32
CA GLU A 138 5.31 -16.64 -6.12
C GLU A 138 5.36 -17.57 -4.88
N VAL A 139 4.69 -18.71 -5.00
CA VAL A 139 4.68 -19.68 -3.94
C VAL A 139 6.07 -20.22 -3.64
N GLU A 140 6.83 -20.50 -4.71
CA GLU A 140 8.22 -20.93 -4.53
C GLU A 140 9.05 -19.89 -3.80
N GLY A 141 8.81 -18.62 -4.14
CA GLY A 141 9.57 -17.52 -3.57
C GLY A 141 9.20 -17.35 -2.13
N THR A 142 7.89 -17.36 -1.85
CA THR A 142 7.43 -17.15 -0.50
C THR A 142 7.80 -18.30 0.42
N MET A 143 7.52 -19.55 0.04
CA MET A 143 7.98 -20.74 0.84
C MET A 143 9.48 -20.62 1.04
N GLY A 144 10.14 -20.13 -0.03
CA GLY A 144 11.59 -19.93 -0.15
C GLY A 144 12.14 -18.84 0.75
N GLN A 145 11.30 -18.10 1.48
CA GLN A 145 11.82 -17.23 2.59
C GLN A 145 11.92 -17.92 3.98
N TYR A 146 11.44 -19.16 4.10
CA TYR A 146 11.51 -19.92 5.39
C TYR A 146 12.61 -20.98 5.37
N SER A 147 13.46 -21.03 6.39
CA SER A 147 14.52 -22.05 6.37
C SER A 147 14.74 -22.75 7.70
N ASN A 148 14.11 -22.30 8.78
CA ASN A 148 14.39 -22.86 10.12
C ASN A 148 13.85 -24.30 10.25
N PRO A 149 14.75 -25.33 10.27
CA PRO A 149 14.37 -26.74 10.50
C PRO A 149 13.59 -27.05 11.78
N GLU A 150 13.70 -26.16 12.77
CA GLU A 150 13.02 -26.34 14.05
C GLU A 150 11.56 -25.95 13.96
N GLY A 151 11.21 -25.10 12.97
CA GLY A 151 9.83 -24.73 12.72
C GLY A 151 9.31 -25.55 11.58
N GLY A 152 8.61 -24.90 10.64
CA GLY A 152 8.19 -25.53 9.42
C GLY A 152 7.37 -24.55 8.63
N MET A 153 7.13 -24.88 7.35
CA MET A 153 6.44 -23.99 6.40
C MET A 153 5.56 -24.86 5.52
N TYR A 154 4.26 -24.76 5.67
CA TYR A 154 3.37 -25.70 5.02
C TYR A 154 2.44 -25.03 3.97
N LEU A 155 2.22 -25.68 2.85
CA LEU A 155 1.35 -25.12 1.83
C LEU A 155 -0.01 -25.80 1.89
N VAL A 156 -1.07 -25.01 1.88
CA VAL A 156 -2.43 -25.50 1.77
C VAL A 156 -3.15 -24.79 0.63
N GLU A 157 -3.94 -25.55 -0.12
CA GLU A 157 -4.70 -25.03 -1.26
C GLU A 157 -6.19 -24.97 -1.05
N SER A 158 -6.72 -25.75 -0.14
CA SER A 158 -8.16 -25.95 0.05
C SER A 158 -8.45 -26.22 1.54
N PRO A 159 -9.74 -26.13 1.95
CA PRO A 159 -10.11 -26.58 3.28
C PRO A 159 -9.70 -28.04 3.55
N ASP A 160 -9.82 -28.92 2.56
CA ASP A 160 -9.46 -30.34 2.78
C ASP A 160 -7.99 -30.45 3.13
N ASP A 161 -7.14 -29.63 2.50
CA ASP A 161 -5.73 -29.63 2.86
C ASP A 161 -5.53 -29.18 4.31
N VAL A 162 -6.33 -28.22 4.78
CA VAL A 162 -6.24 -27.76 6.16
C VAL A 162 -6.64 -28.90 7.08
N TRP A 163 -7.77 -29.53 6.77
CA TRP A 163 -8.33 -30.64 7.58
C TRP A 163 -7.33 -31.79 7.72
N LYS A 164 -6.44 -31.97 6.78
CA LYS A 164 -5.46 -33.05 6.96
C LYS A 164 -4.08 -32.63 7.45
N LEU A 165 -3.88 -31.35 7.74
CA LEU A 165 -2.58 -30.85 8.18
C LEU A 165 -2.32 -31.02 9.67
N THR A 166 -1.12 -31.48 10.01
CA THR A 166 -0.67 -31.50 11.41
C THR A 166 0.62 -30.66 11.50
N VAL A 167 0.74 -29.96 12.63
CA VAL A 167 1.88 -29.07 12.90
C VAL A 167 2.42 -29.40 14.29
N LYS A 168 3.64 -28.94 14.54
CA LYS A 168 4.40 -29.30 15.73
C LYS A 168 3.99 -28.50 16.96
N ASN A 169 3.72 -27.22 16.74
CA ASN A 169 3.24 -26.37 17.82
C ASN A 169 2.19 -25.43 17.38
N GLU A 170 0.95 -25.83 17.56
CA GLU A 170 -0.15 -25.02 17.02
C GLU A 170 -0.49 -23.79 17.90
N GLU A 171 0.23 -23.65 19.03
CA GLU A 171 0.12 -22.47 19.89
C GLU A 171 0.85 -21.26 19.30
N LYS A 172 1.88 -21.54 18.51
CA LYS A 172 2.74 -20.57 17.83
C LYS A 172 2.67 -20.77 16.29
N LEU A 173 1.63 -20.21 15.68
CA LEU A 173 1.34 -20.52 14.26
C LEU A 173 0.83 -19.28 13.55
N SER A 174 1.31 -19.07 12.33
CA SER A 174 0.83 -17.96 11.56
C SER A 174 0.55 -18.38 10.13
N PHE A 175 -0.28 -17.58 9.47
CA PHE A 175 -0.58 -17.82 8.06
C PHE A 175 -0.35 -16.62 7.18
N MET A 176 -0.19 -16.93 5.89
CA MET A 176 0.07 -15.95 4.82
C MET A 176 -0.65 -16.46 3.60
N THR A 177 -0.92 -15.56 2.66
CA THR A 177 -1.50 -15.97 1.35
C THR A 177 -0.69 -15.49 0.11
N GLN A 178 -0.85 -16.23 -0.98
CA GLN A 178 -0.51 -15.75 -2.32
C GLN A 178 -1.35 -14.51 -2.64
N THR A 179 -0.75 -13.57 -3.39
CA THR A 179 -1.43 -12.28 -3.66
C THR A 179 -2.57 -12.35 -4.67
N THR A 180 -2.67 -13.42 -5.47
CA THR A 180 -3.56 -13.43 -6.60
C THR A 180 -4.69 -14.47 -6.54
N LEU A 181 -5.00 -14.96 -5.38
CA LEU A 181 -6.03 -15.96 -5.20
C LEU A 181 -7.45 -15.47 -5.36
N SER A 182 -8.39 -16.41 -5.54
CA SER A 182 -9.82 -16.16 -5.32
C SER A 182 -10.06 -15.60 -3.93
N VAL A 183 -10.66 -14.41 -3.85
CA VAL A 183 -11.04 -13.84 -2.57
C VAL A 183 -12.03 -14.80 -1.83
N ASP A 184 -13.05 -15.25 -2.51
CA ASP A 184 -14.03 -16.14 -1.84
C ASP A 184 -13.47 -17.52 -1.42
N ASP A 185 -12.74 -18.20 -2.32
CA ASP A 185 -12.15 -19.51 -1.94
C ASP A 185 -11.16 -19.33 -0.78
N THR A 186 -10.45 -18.20 -0.75
CA THR A 186 -9.45 -18.04 0.27
C THR A 186 -10.13 -17.86 1.62
N SER A 187 -11.23 -17.12 1.58
CA SER A 187 -12.07 -16.94 2.78
C SER A 187 -12.45 -18.29 3.40
N ASP A 188 -12.73 -19.30 2.56
CA ASP A 188 -13.12 -20.64 3.08
C ASP A 188 -11.93 -21.36 3.69
N VAL A 189 -10.73 -21.21 3.10
CA VAL A 189 -9.52 -21.80 3.66
C VAL A 189 -9.22 -21.19 5.04
N ILE A 190 -9.30 -19.88 5.14
CA ILE A 190 -9.03 -19.20 6.40
C ILE A 190 -10.02 -19.60 7.51
N ASP A 191 -11.28 -19.71 7.17
CA ASP A 191 -12.31 -20.19 8.10
C ASP A 191 -11.95 -21.58 8.66
N ALA A 192 -11.43 -22.44 7.79
CA ALA A 192 -11.01 -23.79 8.15
C ALA A 192 -9.79 -23.72 9.02
N LEU A 193 -8.79 -22.91 8.64
CA LEU A 193 -7.60 -22.72 9.47
C LEU A 193 -7.94 -22.29 10.89
N ARG A 194 -8.85 -21.34 11.02
CA ARG A 194 -9.25 -20.86 12.35
C ARG A 194 -10.07 -21.84 13.15
N LYS A 195 -10.84 -22.71 12.50
CA LYS A 195 -11.58 -23.78 13.19
C LYS A 195 -10.61 -24.88 13.69
N ARG A 196 -9.61 -25.22 12.87
CA ARG A 196 -8.57 -26.17 13.22
C ARG A 196 -7.52 -25.70 14.22
N PHE A 197 -7.13 -24.45 14.08
CA PHE A 197 -6.01 -23.90 14.80
C PHE A 197 -6.46 -22.61 15.41
N PRO A 198 -7.29 -22.67 16.46
CA PRO A 198 -7.87 -21.43 17.02
C PRO A 198 -6.87 -20.37 17.41
N LYS A 199 -5.61 -20.72 17.66
CA LYS A 199 -4.65 -19.71 18.07
C LYS A 199 -3.86 -19.10 16.89
N ILE A 200 -4.19 -19.53 15.66
CA ILE A 200 -3.45 -19.07 14.47
C ILE A 200 -3.54 -17.57 14.28
N VAL A 201 -2.41 -16.97 13.93
CA VAL A 201 -2.29 -15.55 13.73
C VAL A 201 -2.16 -15.25 12.21
N GLY A 202 -2.90 -14.25 11.72
CA GLY A 202 -2.60 -13.72 10.40
C GLY A 202 -2.89 -12.24 10.22
N PRO A 203 -3.08 -11.83 8.97
CA PRO A 203 -3.57 -10.47 8.72
C PRO A 203 -5.07 -10.38 9.04
N ARG A 204 -5.64 -9.20 8.96
CA ARG A 204 -7.06 -9.05 9.24
C ARG A 204 -7.91 -9.94 8.37
N LYS A 205 -7.51 -10.12 7.11
CA LYS A 205 -8.34 -10.72 6.10
C LYS A 205 -7.46 -11.74 5.31
N ASP A 206 -6.56 -11.26 4.46
CA ASP A 206 -5.65 -12.15 3.71
C ASP A 206 -4.51 -11.30 3.14
N ASP A 207 -3.60 -11.90 2.38
CA ASP A 207 -2.53 -11.15 1.68
C ASP A 207 -2.84 -10.93 0.18
N ILE A 208 -4.07 -11.09 -0.21
CA ILE A 208 -4.53 -10.85 -1.60
C ILE A 208 -4.41 -9.36 -1.83
N CYS A 209 -3.80 -8.97 -2.96
CA CYS A 209 -3.51 -7.56 -3.21
C CYS A 209 -4.73 -6.77 -3.66
N TYR A 210 -4.60 -5.45 -3.62
CA TYR A 210 -5.70 -4.55 -3.94
C TYR A 210 -6.13 -4.79 -5.37
N ALA A 211 -5.17 -5.08 -6.23
CA ALA A 211 -5.48 -5.22 -7.69
C ALA A 211 -6.31 -6.47 -7.95
N THR A 212 -6.01 -7.54 -7.24
CA THR A 212 -6.71 -8.80 -7.37
C THR A 212 -8.14 -8.68 -6.82
N THR A 213 -8.28 -8.15 -5.64
CA THR A 213 -9.57 -7.90 -5.02
C THR A 213 -10.43 -7.02 -5.95
N ASN A 214 -9.84 -5.98 -6.49
CA ASN A 214 -10.62 -5.00 -7.29
C ASN A 214 -11.05 -5.56 -8.61
N ARG A 215 -10.17 -6.32 -9.25
CA ARG A 215 -10.50 -6.91 -10.55
C ARG A 215 -11.54 -7.98 -10.38
N GLN A 216 -11.48 -8.70 -9.29
CA GLN A 216 -12.52 -9.67 -9.00
C GLN A 216 -13.89 -9.05 -8.74
N GLU A 217 -13.92 -7.97 -7.97
CA GLU A 217 -15.15 -7.23 -7.73
C GLU A 217 -15.68 -6.67 -9.06
N ALA A 218 -14.80 -6.17 -9.88
CA ALA A 218 -15.24 -5.64 -11.21
C ALA A 218 -15.80 -6.67 -12.15
N VAL A 219 -15.19 -7.85 -12.19
CA VAL A 219 -15.70 -8.86 -13.09
C VAL A 219 -17.04 -9.43 -12.57
N ARG A 220 -17.24 -9.46 -11.28
CA ARG A 220 -18.54 -9.79 -10.70
C ARG A 220 -19.61 -8.82 -11.22
N ALA A 221 -19.37 -7.53 -11.13
CA ALA A 221 -20.32 -6.54 -11.69
C ALA A 221 -20.52 -6.71 -13.19
N LEU A 222 -19.44 -6.99 -13.90
CA LEU A 222 -19.49 -7.21 -15.35
C LEU A 222 -20.38 -8.39 -15.67
N ALA A 223 -20.20 -9.47 -14.93
CA ALA A 223 -20.87 -10.71 -15.26
C ALA A 223 -22.33 -10.66 -14.85
N GLU A 224 -22.72 -9.80 -13.94
CA GLU A 224 -24.16 -9.58 -13.72
C GLU A 224 -24.92 -9.08 -14.99
N GLN A 225 -24.23 -8.41 -15.90
CA GLN A 225 -24.85 -7.78 -17.09
C GLN A 225 -24.58 -8.52 -18.40
N ALA A 226 -23.37 -9.07 -18.51
CA ALA A 226 -22.95 -9.77 -19.72
C ALA A 226 -23.33 -11.22 -19.71
N GLU A 227 -23.62 -11.76 -20.89
CA GLU A 227 -23.86 -13.19 -21.10
C GLU A 227 -22.52 -13.93 -21.24
N VAL A 228 -21.55 -13.25 -21.85
CA VAL A 228 -20.26 -13.83 -22.10
C VAL A 228 -19.20 -12.86 -21.69
N VAL A 229 -18.16 -13.36 -21.00
CA VAL A 229 -17.02 -12.56 -20.60
C VAL A 229 -15.71 -13.05 -21.23
N LEU A 230 -14.92 -12.10 -21.77
CA LEU A 230 -13.58 -12.38 -22.33
C LEU A 230 -12.58 -11.80 -21.40
N VAL A 231 -11.69 -12.64 -20.85
CA VAL A 231 -10.62 -12.16 -20.00
C VAL A 231 -9.33 -12.16 -20.74
N VAL A 232 -8.79 -10.96 -20.95
CA VAL A 232 -7.49 -10.84 -21.61
C VAL A 232 -6.39 -11.19 -20.63
N GLY A 233 -5.66 -12.27 -20.91
CA GLY A 233 -4.55 -12.64 -20.06
C GLY A 233 -4.01 -13.98 -20.52
N SER A 234 -2.80 -14.33 -20.09
CA SER A 234 -2.19 -15.57 -20.54
C SER A 234 -2.59 -16.73 -19.67
N LYS A 235 -2.37 -17.94 -20.18
CA LYS A 235 -2.76 -19.15 -19.45
C LYS A 235 -2.08 -19.36 -18.13
N ASN A 236 -0.87 -18.86 -18.01
CA ASN A 236 -0.08 -19.12 -16.84
C ASN A 236 -0.22 -17.95 -15.84
N SER A 237 -1.13 -17.03 -16.13
CA SER A 237 -1.42 -15.94 -15.16
C SER A 237 -2.46 -16.37 -14.10
N SER A 238 -2.06 -16.56 -12.84
CA SER A 238 -2.96 -16.91 -11.79
C SER A 238 -4.13 -15.92 -11.70
N ASN A 239 -3.79 -14.65 -11.52
CA ASN A 239 -4.87 -13.66 -11.27
C ASN A 239 -5.88 -13.65 -12.47
N SER A 240 -5.38 -13.78 -13.71
CA SER A 240 -6.30 -13.78 -14.87
C SER A 240 -7.28 -14.99 -14.85
N ASN A 241 -6.73 -16.16 -14.55
CA ASN A 241 -7.52 -17.38 -14.43
C ASN A 241 -8.64 -17.12 -13.42
N ARG A 242 -8.36 -16.40 -12.35
CA ARG A 242 -9.39 -16.22 -11.28
C ARG A 242 -10.58 -15.40 -11.78
N LEU A 243 -10.30 -14.47 -12.68
CA LEU A 243 -11.33 -13.62 -13.28
C LEU A 243 -12.25 -14.43 -14.19
N ALA A 244 -11.66 -15.32 -14.98
CA ALA A 244 -12.47 -16.18 -15.81
C ALA A 244 -13.32 -17.12 -14.96
N GLU A 245 -12.67 -17.74 -13.96
CA GLU A 245 -13.29 -18.75 -13.08
C GLU A 245 -14.50 -18.11 -12.38
N LEU A 246 -14.29 -16.90 -11.90
CA LEU A 246 -15.34 -16.14 -11.23
C LEU A 246 -16.62 -15.94 -12.06
N ALA A 247 -16.43 -15.51 -13.29
CA ALA A 247 -17.49 -15.35 -14.29
C ALA A 247 -18.21 -16.67 -14.59
N GLN A 248 -17.45 -17.75 -14.76
CA GLN A 248 -17.98 -19.05 -15.08
C GLN A 248 -18.83 -19.60 -13.97
N ARG A 249 -18.37 -19.41 -12.76
CA ARG A 249 -19.09 -19.82 -11.59
C ARG A 249 -20.39 -19.08 -11.46
N MET A 250 -20.48 -17.84 -11.96
CA MET A 250 -21.73 -17.11 -12.03
C MET A 250 -22.65 -17.55 -13.20
N GLY A 251 -22.27 -18.59 -13.96
CA GLY A 251 -23.10 -19.12 -15.01
C GLY A 251 -22.93 -18.51 -16.38
N LYS A 252 -21.93 -17.67 -16.54
CA LYS A 252 -21.60 -17.08 -17.78
C LYS A 252 -20.51 -17.89 -18.47
N ARG A 253 -20.57 -17.92 -19.77
CA ARG A 253 -19.48 -18.43 -20.55
C ARG A 253 -18.36 -17.38 -20.42
N ALA A 254 -17.15 -17.83 -20.09
CA ALA A 254 -16.00 -16.98 -19.99
C ALA A 254 -14.82 -17.65 -20.64
N PHE A 255 -13.94 -16.85 -21.23
CA PHE A 255 -12.83 -17.35 -21.99
C PHE A 255 -11.63 -16.53 -21.66
N LEU A 256 -10.51 -17.20 -21.40
CA LEU A 256 -9.25 -16.56 -21.13
C LEU A 256 -8.46 -16.49 -22.46
N ILE A 257 -8.14 -15.30 -22.94
CA ILE A 257 -7.56 -15.17 -24.29
C ILE A 257 -6.31 -14.29 -24.26
N ASP A 258 -5.32 -14.63 -25.07
CA ASP A 258 -4.12 -13.80 -25.13
C ASP A 258 -4.35 -12.56 -25.97
N ASP A 259 -5.20 -12.66 -26.98
CA ASP A 259 -5.41 -11.59 -27.96
C ASP A 259 -6.59 -11.85 -28.90
N ALA A 260 -6.93 -10.84 -29.68
CA ALA A 260 -8.14 -10.86 -30.48
C ALA A 260 -8.31 -12.04 -31.43
N LYS A 261 -7.19 -12.56 -31.94
CA LYS A 261 -7.16 -13.74 -32.81
C LYS A 261 -7.86 -14.92 -32.21
N ASP A 262 -7.74 -15.11 -30.88
CA ASP A 262 -8.30 -16.28 -30.22
C ASP A 262 -9.83 -16.25 -30.16
N ILE A 263 -10.48 -15.10 -30.43
CA ILE A 263 -11.95 -15.04 -30.33
C ILE A 263 -12.59 -15.89 -31.43
N GLN A 264 -13.40 -16.85 -31.01
CA GLN A 264 -14.12 -17.68 -31.94
C GLN A 264 -15.51 -17.10 -32.08
N GLU A 265 -15.97 -16.95 -33.31
CA GLU A 265 -17.21 -16.24 -33.57
C GLU A 265 -18.42 -16.87 -32.85
N GLU A 266 -18.47 -18.21 -32.73
CA GLU A 266 -19.57 -18.90 -32.07
C GLU A 266 -19.76 -18.43 -30.63
N TRP A 267 -18.68 -17.90 -30.05
CA TRP A 267 -18.68 -17.52 -28.63
C TRP A 267 -19.58 -16.33 -28.43
N VAL A 268 -19.66 -15.49 -29.45
CA VAL A 268 -20.52 -14.30 -29.36
C VAL A 268 -21.61 -14.21 -30.38
N LYS A 269 -21.91 -15.26 -31.14
CA LYS A 269 -23.02 -15.19 -32.08
C LYS A 269 -24.33 -15.06 -31.30
N GLU A 270 -25.15 -14.08 -31.71
CA GLU A 270 -26.47 -13.82 -31.11
C GLU A 270 -26.43 -13.55 -29.58
N VAL A 271 -25.31 -13.03 -29.12
CA VAL A 271 -25.14 -12.60 -27.75
C VAL A 271 -25.43 -11.12 -27.74
N LYS A 272 -26.40 -10.72 -26.93
CA LYS A 272 -26.79 -9.30 -26.79
C LYS A 272 -25.78 -8.46 -26.01
N CYS A 273 -25.03 -9.09 -25.10
CA CYS A 273 -24.15 -8.34 -24.20
C CYS A 273 -22.89 -9.15 -23.88
N VAL A 274 -21.73 -8.66 -24.34
CA VAL A 274 -20.42 -9.28 -24.13
C VAL A 274 -19.61 -8.38 -23.24
N GLY A 275 -18.91 -8.94 -22.24
CA GLY A 275 -18.05 -8.16 -21.34
C GLY A 275 -16.60 -8.45 -21.63
N VAL A 276 -15.76 -7.46 -21.46
CA VAL A 276 -14.30 -7.64 -21.60
C VAL A 276 -13.61 -7.14 -20.37
N THR A 277 -12.72 -7.96 -19.82
CA THR A 277 -11.78 -7.53 -18.81
C THR A 277 -10.39 -8.00 -19.20
N ALA A 278 -9.44 -7.71 -18.32
CA ALA A 278 -8.03 -8.04 -18.44
C ALA A 278 -7.40 -8.26 -17.05
N GLY A 279 -6.52 -9.22 -17.01
CA GLY A 279 -5.74 -9.51 -15.81
C GLY A 279 -4.70 -8.42 -15.61
N ALA A 280 -3.99 -8.51 -14.48
CA ALA A 280 -3.13 -7.44 -14.03
C ALA A 280 -1.86 -7.37 -14.87
N SER A 281 -1.55 -8.41 -15.62
CA SER A 281 -0.36 -8.44 -16.45
C SER A 281 -0.61 -8.18 -17.95
N ALA A 282 -1.84 -7.83 -18.33
CA ALA A 282 -2.24 -7.64 -19.72
C ALA A 282 -2.28 -6.16 -20.16
N PRO A 283 -1.44 -5.77 -21.14
CA PRO A 283 -1.38 -4.38 -21.62
C PRO A 283 -2.70 -3.95 -22.28
N ASP A 284 -3.03 -2.70 -22.12
CA ASP A 284 -4.28 -2.16 -22.65
C ASP A 284 -4.41 -2.28 -24.18
N ILE A 285 -3.31 -2.23 -24.90
CA ILE A 285 -3.41 -2.43 -26.34
C ILE A 285 -4.10 -3.75 -26.72
N LEU A 286 -3.88 -4.80 -25.92
CA LEU A 286 -4.53 -6.07 -26.24
C LEU A 286 -6.04 -5.94 -26.06
N VAL A 287 -6.51 -5.18 -25.08
CA VAL A 287 -7.95 -5.02 -24.86
C VAL A 287 -8.54 -4.20 -26.04
N GLN A 288 -7.81 -3.16 -26.46
CA GLN A 288 -8.27 -2.31 -27.55
C GLN A 288 -8.45 -3.16 -28.80
N ASN A 289 -7.49 -4.05 -29.08
CA ASN A 289 -7.61 -4.95 -30.24
C ASN A 289 -8.79 -5.94 -30.09
N VAL A 290 -9.06 -6.35 -28.86
CA VAL A 290 -10.20 -7.25 -28.61
C VAL A 290 -11.50 -6.53 -28.93
N VAL A 291 -11.59 -5.27 -28.53
CA VAL A 291 -12.79 -4.51 -28.71
C VAL A 291 -12.99 -4.33 -30.21
N ALA A 292 -11.92 -4.10 -30.96
CA ALA A 292 -12.04 -3.84 -32.39
C ALA A 292 -12.56 -5.07 -33.11
N ARG A 293 -12.08 -6.25 -32.67
CA ARG A 293 -12.54 -7.55 -33.17
C ARG A 293 -14.02 -7.75 -32.84
N LEU A 294 -14.42 -7.48 -31.61
CA LEU A 294 -15.85 -7.63 -31.26
C LEU A 294 -16.77 -6.70 -32.12
N GLN A 295 -16.26 -5.51 -32.44
CA GLN A 295 -16.99 -4.54 -33.29
C GLN A 295 -17.19 -5.08 -34.71
N GLN A 296 -16.20 -5.81 -35.21
CA GLN A 296 -16.29 -6.50 -36.51
C GLN A 296 -17.37 -7.58 -36.54
N LEU A 297 -17.43 -8.29 -35.45
CA LEU A 297 -18.47 -9.27 -35.20
C LEU A 297 -19.79 -8.61 -34.75
N GLY A 298 -19.89 -7.30 -34.84
CA GLY A 298 -21.21 -6.65 -34.74
C GLY A 298 -21.47 -5.84 -33.48
N GLY A 299 -20.44 -5.65 -32.64
CA GLY A 299 -20.60 -4.87 -31.41
C GLY A 299 -20.51 -3.35 -31.62
N GLY A 300 -21.13 -2.60 -30.69
CA GLY A 300 -21.14 -1.14 -30.70
C GLY A 300 -19.94 -0.51 -30.02
N GLU A 301 -20.08 0.75 -29.62
CA GLU A 301 -19.00 1.41 -28.88
C GLU A 301 -18.86 0.76 -27.50
N ALA A 302 -17.63 0.58 -27.07
CA ALA A 302 -17.34 -0.07 -25.79
C ALA A 302 -17.74 0.84 -24.64
N ILE A 303 -18.53 0.33 -23.71
CA ILE A 303 -18.99 1.12 -22.56
C ILE A 303 -18.25 0.68 -21.31
N PRO A 304 -17.42 1.56 -20.74
CA PRO A 304 -16.81 1.24 -19.45
C PRO A 304 -17.78 1.29 -18.28
N LEU A 305 -17.78 0.26 -17.46
CA LEU A 305 -18.58 0.27 -16.22
C LEU A 305 -17.96 1.24 -15.23
N GLU A 306 -18.78 1.85 -14.37
CA GLU A 306 -18.32 2.67 -13.27
C GLU A 306 -17.56 1.72 -12.40
N GLY A 307 -16.44 2.12 -11.83
CA GLY A 307 -15.71 1.24 -10.95
C GLY A 307 -14.96 1.99 -9.90
N ARG A 308 -14.42 1.24 -8.94
CA ARG A 308 -13.54 1.76 -7.91
C ARG A 308 -12.27 2.32 -8.55
N GLU A 309 -11.89 3.54 -8.17
CA GLU A 309 -10.70 4.22 -8.69
C GLU A 309 -9.46 3.66 -8.00
N GLU A 310 -8.43 3.35 -8.77
CA GLU A 310 -7.16 2.90 -8.25
C GLU A 310 -6.20 4.06 -8.39
N ASN A 311 -5.41 4.28 -7.35
CA ASN A 311 -4.46 5.38 -7.37
C ASN A 311 -3.02 5.06 -7.02
N ILE A 312 -2.74 3.80 -6.79
CA ILE A 312 -1.42 3.41 -6.30
C ILE A 312 -0.45 3.28 -7.49
N VAL A 313 0.73 3.87 -7.35
CA VAL A 313 1.84 3.70 -8.30
C VAL A 313 3.08 3.23 -7.51
N PHE A 314 3.86 2.31 -8.06
CA PHE A 314 5.15 1.99 -7.46
C PHE A 314 6.30 2.45 -8.37
N GLU A 315 7.16 3.32 -7.88
CA GLU A 315 8.30 3.87 -8.69
C GLU A 315 9.41 2.85 -8.92
N VAL A 316 10.10 3.00 -10.04
CA VAL A 316 11.32 2.19 -10.28
C VAL A 316 12.42 2.61 -9.33
N PRO A 317 13.38 1.71 -9.04
CA PRO A 317 14.47 2.12 -8.19
C PRO A 317 15.22 3.26 -8.86
N LYS A 318 15.81 4.11 -8.04
CA LYS A 318 16.44 5.33 -8.57
C LYS A 318 17.57 4.98 -9.55
N GLU A 319 18.25 3.87 -9.35
CA GLU A 319 19.37 3.52 -10.24
C GLU A 319 18.87 3.14 -11.64
N LEU A 320 17.57 2.90 -11.82
CA LEU A 320 16.96 2.64 -13.15
C LEU A 320 16.14 3.75 -13.79
N ARG A 321 16.15 4.94 -13.21
CA ARG A 321 15.46 6.06 -13.83
C ARG A 321 16.11 6.41 -15.16
N MET B 13 31.39 22.20 11.04
CA MET B 13 30.13 21.48 11.46
C MET B 13 29.55 20.63 10.32
N GLN B 14 29.38 19.34 10.57
CA GLN B 14 28.90 18.44 9.56
C GLN B 14 27.38 18.44 9.62
N ILE B 15 26.71 18.64 8.48
CA ILE B 15 25.26 18.59 8.41
C ILE B 15 24.86 17.26 7.77
N LEU B 16 24.07 16.48 8.53
CA LEU B 16 23.55 15.20 8.04
C LEU B 16 22.05 15.32 7.81
N LEU B 17 21.57 14.73 6.72
CA LEU B 17 20.15 14.70 6.39
C LEU B 17 19.63 13.29 6.52
N ALA B 18 18.54 13.16 7.23
CA ALA B 18 17.89 11.84 7.40
C ALA B 18 17.28 11.38 6.09
N ASN B 19 17.29 10.08 5.95
CA ASN B 19 16.66 9.49 4.84
C ASN B 19 15.92 8.20 5.14
N PRO B 20 14.62 8.17 4.86
CA PRO B 20 13.68 9.16 4.32
C PRO B 20 13.36 10.32 5.27
N ARG B 21 12.90 11.45 4.69
CA ARG B 21 12.41 12.63 5.43
C ARG B 21 11.33 13.33 4.59
N GLY B 22 10.54 14.20 5.20
CA GLY B 22 9.62 15.01 4.46
C GLY B 22 8.49 14.28 3.83
N PHE B 23 8.00 14.78 2.70
CA PHE B 23 6.72 14.37 2.17
C PHE B 23 6.62 12.88 1.96
N CYS B 24 5.46 12.35 2.37
CA CYS B 24 5.08 11.02 2.09
C CYS B 24 4.08 11.07 0.94
N ALA B 25 3.60 9.90 0.51
CA ALA B 25 2.72 9.81 -0.66
C ALA B 25 1.36 10.43 -0.41
N GLY B 26 0.78 10.19 0.78
CA GLY B 26 -0.52 10.80 1.12
C GLY B 26 -0.52 12.30 1.14
N VAL B 27 0.53 12.89 1.67
CA VAL B 27 0.63 14.37 1.75
C VAL B 27 0.83 14.99 0.35
N ASP B 28 1.74 14.40 -0.44
CA ASP B 28 1.95 14.83 -1.80
C ASP B 28 0.63 14.83 -2.58
N ARG B 29 -0.18 13.79 -2.41
CA ARG B 29 -1.48 13.71 -3.04
C ARG B 29 -2.46 14.78 -2.57
N ALA B 30 -2.52 14.97 -1.27
CA ALA B 30 -3.50 15.88 -0.68
C ALA B 30 -3.19 17.31 -1.10
N ILE B 31 -1.91 17.68 -1.10
CA ILE B 31 -1.56 19.04 -1.47
C ILE B 31 -1.87 19.23 -2.95
N SER B 32 -1.56 18.23 -3.77
CA SER B 32 -1.89 18.34 -5.18
C SER B 32 -3.38 18.46 -5.47
N ILE B 33 -4.22 17.77 -4.70
CA ILE B 33 -5.68 17.88 -4.85
C ILE B 33 -6.11 19.32 -4.67
N VAL B 34 -5.61 19.95 -3.62
CA VAL B 34 -5.96 21.39 -3.35
C VAL B 34 -5.41 22.28 -4.47
N GLU B 35 -4.12 22.12 -4.79
CA GLU B 35 -3.49 22.94 -5.82
C GLU B 35 -4.19 22.81 -7.15
N ASN B 36 -4.43 21.57 -7.57
CA ASN B 36 -5.08 21.31 -8.86
C ASN B 36 -6.48 21.76 -8.93
N ALA B 37 -7.22 21.61 -7.83
CA ALA B 37 -8.57 22.14 -7.81
C ALA B 37 -8.53 23.65 -8.01
N LEU B 38 -7.62 24.32 -7.34
CA LEU B 38 -7.51 25.79 -7.54
C LEU B 38 -7.11 26.13 -8.97
N ALA B 39 -6.18 25.37 -9.55
CA ALA B 39 -5.77 25.60 -10.94
C ALA B 39 -6.90 25.38 -11.92
N ILE B 40 -7.66 24.31 -11.71
CA ILE B 40 -8.74 23.91 -12.60
C ILE B 40 -10.00 24.78 -12.44
N TYR B 41 -10.45 25.01 -11.21
CA TYR B 41 -11.73 25.70 -11.01
C TYR B 41 -11.63 27.15 -10.53
N GLY B 42 -10.44 27.58 -10.13
CA GLY B 42 -10.29 28.89 -9.54
C GLY B 42 -10.63 28.97 -8.08
N ALA B 43 -10.24 30.09 -7.47
CA ALA B 43 -10.52 30.39 -6.07
C ALA B 43 -11.91 30.94 -6.02
N PRO B 44 -12.63 30.72 -4.89
CA PRO B 44 -12.16 29.97 -3.71
C PRO B 44 -12.36 28.48 -3.84
N ILE B 45 -11.50 27.71 -3.17
CA ILE B 45 -11.73 26.29 -2.91
C ILE B 45 -11.76 26.10 -1.39
N TYR B 46 -12.80 25.46 -0.88
CA TYR B 46 -12.93 25.31 0.61
C TYR B 46 -12.32 23.98 1.01
N VAL B 47 -11.58 24.01 2.11
CA VAL B 47 -10.96 22.85 2.68
C VAL B 47 -11.37 22.71 4.13
N ARG B 48 -11.80 21.52 4.50
CA ARG B 48 -12.19 21.25 5.87
C ARG B 48 -11.00 20.92 6.74
N HIS B 49 -10.63 21.87 7.58
CA HIS B 49 -9.48 21.80 8.48
C HIS B 49 -8.16 21.86 7.65
N GLU B 50 -7.04 22.07 8.34
CA GLU B 50 -5.72 22.17 7.65
C GLU B 50 -5.47 20.93 6.80
N VAL B 51 -5.09 21.08 5.53
CA VAL B 51 -5.10 19.91 4.62
C VAL B 51 -4.10 18.91 5.09
N VAL B 52 -2.95 19.45 5.48
CA VAL B 52 -1.96 18.74 6.26
C VAL B 52 -1.57 19.65 7.37
N HIS B 53 -0.90 19.09 8.37
CA HIS B 53 -0.50 19.89 9.53
C HIS B 53 0.84 20.60 9.35
N ASN B 54 0.87 21.56 8.44
CA ASN B 54 2.07 22.38 8.23
C ASN B 54 1.67 23.85 7.94
N ARG B 55 2.14 24.73 8.78
CA ARG B 55 1.93 26.16 8.65
C ARG B 55 2.24 26.72 7.26
N TYR B 56 3.42 26.36 6.74
CA TYR B 56 3.90 26.90 5.44
C TYR B 56 2.96 26.44 4.31
N VAL B 57 2.58 25.16 4.32
CA VAL B 57 1.69 24.65 3.31
C VAL B 57 0.30 25.33 3.37
N VAL B 58 -0.21 25.46 4.58
CA VAL B 58 -1.55 26.02 4.79
C VAL B 58 -1.54 27.51 4.37
N ASP B 59 -0.54 28.24 4.83
CA ASP B 59 -0.36 29.67 4.45
C ASP B 59 -0.27 29.90 2.96
N SER B 60 0.51 29.05 2.29
CA SER B 60 0.66 29.11 0.87
C SER B 60 -0.66 28.86 0.13
N LEU B 61 -1.41 27.85 0.54
CA LEU B 61 -2.65 27.54 -0.13
C LEU B 61 -3.71 28.67 0.09
N ARG B 62 -3.71 29.26 1.28
CA ARG B 62 -4.59 30.38 1.63
C ARG B 62 -4.31 31.59 0.72
N GLU B 63 -3.03 31.91 0.56
CA GLU B 63 -2.57 32.99 -0.33
C GLU B 63 -2.98 32.74 -1.79
N ARG B 64 -3.14 31.49 -2.23
CA ARG B 64 -3.66 31.19 -3.59
C ARG B 64 -5.18 31.08 -3.63
N GLY B 65 -5.84 31.26 -2.49
CA GLY B 65 -7.29 31.33 -2.47
C GLY B 65 -8.08 30.15 -1.91
N ALA B 66 -7.39 29.19 -1.29
CA ALA B 66 -8.04 28.15 -0.46
C ALA B 66 -8.59 28.81 0.79
N ILE B 67 -9.77 28.39 1.22
CA ILE B 67 -10.34 28.93 2.41
C ILE B 67 -10.53 27.76 3.37
N PHE B 68 -9.88 27.83 4.52
CA PHE B 68 -9.86 26.74 5.46
C PHE B 68 -11.00 27.01 6.43
N ILE B 69 -11.86 26.02 6.58
CA ILE B 69 -13.05 26.12 7.43
C ILE B 69 -13.13 24.95 8.43
N GLU B 70 -13.93 25.15 9.47
CA GLU B 70 -14.00 24.17 10.56
C GLU B 70 -15.21 23.26 10.40
N GLN B 71 -16.34 23.80 9.94
CA GLN B 71 -17.58 23.01 9.72
C GLN B 71 -18.08 23.19 8.29
N ILE B 72 -18.67 22.12 7.77
CA ILE B 72 -19.21 22.14 6.43
C ILE B 72 -20.28 23.20 6.21
N SER B 73 -21.04 23.48 7.25
CA SER B 73 -22.09 24.51 7.19
C SER B 73 -21.55 25.90 6.89
N GLU B 74 -20.24 26.09 7.03
CA GLU B 74 -19.63 27.36 6.60
C GLU B 74 -19.46 27.49 5.09
N VAL B 75 -19.60 26.40 4.35
CA VAL B 75 -19.35 26.39 2.91
C VAL B 75 -20.62 26.65 2.12
N PRO B 76 -20.60 27.60 1.19
CA PRO B 76 -21.81 27.96 0.41
C PRO B 76 -22.22 26.87 -0.58
N ASP B 77 -23.50 26.78 -0.94
CA ASP B 77 -23.91 25.88 -2.01
C ASP B 77 -23.21 26.23 -3.31
N GLY B 78 -22.96 25.21 -4.13
CA GLY B 78 -22.24 25.41 -5.40
C GLY B 78 -20.71 25.33 -5.33
N ALA B 79 -20.16 25.32 -4.12
CA ALA B 79 -18.72 25.31 -3.90
C ALA B 79 -18.06 23.93 -4.08
N ILE B 80 -16.72 24.00 -4.14
CA ILE B 80 -15.84 22.83 -4.09
C ILE B 80 -15.30 22.72 -2.67
N LEU B 81 -15.39 21.50 -2.12
CA LEU B 81 -15.00 21.26 -0.73
C LEU B 81 -14.04 20.10 -0.77
N ILE B 82 -12.91 20.26 -0.08
CA ILE B 82 -11.90 19.20 0.05
C ILE B 82 -11.84 18.73 1.50
N PHE B 83 -11.91 17.41 1.72
CA PHE B 83 -11.55 16.85 3.05
C PHE B 83 -10.05 16.72 3.25
N SER B 84 -9.57 17.01 4.47
CA SER B 84 -8.12 16.92 4.71
C SER B 84 -7.59 15.51 4.69
N ALA B 85 -6.26 15.41 4.63
CA ALA B 85 -5.58 14.11 4.55
C ALA B 85 -5.83 13.20 5.77
N HIS B 86 -6.23 13.78 6.89
CA HIS B 86 -6.39 13.09 8.18
C HIS B 86 -7.72 12.31 8.19
N GLY B 87 -8.61 12.60 7.24
CA GLY B 87 -9.92 11.98 7.12
C GLY B 87 -11.02 12.61 7.96
N VAL B 88 -12.21 12.06 7.84
CA VAL B 88 -13.42 12.62 8.47
C VAL B 88 -14.34 11.51 8.82
N SER B 89 -15.23 11.82 9.75
CA SER B 89 -16.23 10.86 10.22
C SER B 89 -17.27 10.57 9.17
N GLN B 90 -18.01 9.48 9.37
CA GLN B 90 -19.18 9.24 8.54
C GLN B 90 -20.21 10.39 8.61
N ALA B 91 -20.39 11.02 9.78
CA ALA B 91 -21.40 12.09 9.90
C ALA B 91 -21.01 13.28 8.97
N VAL B 92 -19.72 13.59 8.97
CA VAL B 92 -19.21 14.68 8.16
C VAL B 92 -19.34 14.30 6.68
N ARG B 93 -18.90 13.09 6.33
CA ARG B 93 -19.08 12.62 4.99
C ARG B 93 -20.50 12.74 4.54
N ASN B 94 -21.45 12.21 5.32
CA ASN B 94 -22.86 12.25 4.91
C ASN B 94 -23.50 13.63 4.79
N GLU B 95 -23.26 14.54 5.73
CA GLU B 95 -23.68 15.95 5.60
C GLU B 95 -23.23 16.56 4.25
N ALA B 96 -21.97 16.32 3.87
CA ALA B 96 -21.44 16.88 2.61
C ALA B 96 -22.18 16.29 1.40
N LYS B 97 -22.43 14.97 1.45
CA LYS B 97 -23.18 14.26 0.39
C LYS B 97 -24.63 14.79 0.21
N SER B 98 -25.24 15.21 1.31
CA SER B 98 -26.59 15.77 1.25
C SER B 98 -26.54 17.18 0.65
N ARG B 99 -25.41 17.86 0.77
CA ARG B 99 -25.33 19.25 0.35
C ARG B 99 -25.05 19.38 -1.13
N ASP B 100 -25.50 20.48 -1.70
CA ASP B 100 -25.20 20.82 -3.10
C ASP B 100 -23.74 21.30 -3.15
N LEU B 101 -22.79 20.36 -3.09
CA LEU B 101 -21.34 20.65 -3.07
C LEU B 101 -20.65 19.63 -3.94
N THR B 102 -19.52 20.01 -4.53
CA THR B 102 -18.65 19.05 -5.21
C THR B 102 -17.55 18.75 -4.19
N VAL B 103 -17.39 17.47 -3.89
CA VAL B 103 -16.46 17.03 -2.83
C VAL B 103 -15.32 16.22 -3.39
N PHE B 104 -14.10 16.60 -3.03
CA PHE B 104 -12.96 15.79 -3.31
C PHE B 104 -12.38 15.36 -1.99
N ASP B 105 -12.06 14.09 -1.86
CA ASP B 105 -11.59 13.55 -0.57
C ASP B 105 -10.09 13.37 -0.61
N ALA B 106 -9.34 14.19 0.08
CA ALA B 106 -7.90 14.07 0.11
C ALA B 106 -7.44 13.15 1.26
N THR B 107 -8.36 12.44 1.90
CA THR B 107 -7.99 11.48 2.93
C THR B 107 -6.95 10.54 2.38
N CYS B 108 -5.90 10.31 3.12
CA CYS B 108 -4.87 9.34 2.66
C CYS B 108 -5.46 7.94 2.57
N PRO B 109 -5.24 7.21 1.43
CA PRO B 109 -5.65 5.83 1.35
C PRO B 109 -5.28 5.01 2.61
N LEU B 110 -4.16 5.31 3.24
CA LEU B 110 -3.75 4.52 4.42
C LEU B 110 -4.59 4.79 5.66
N VAL B 111 -5.26 5.93 5.70
CA VAL B 111 -6.26 6.23 6.72
C VAL B 111 -7.55 5.57 6.35
N THR B 112 -7.98 5.77 5.12
CA THR B 112 -9.16 5.07 4.62
C THR B 112 -9.14 3.54 4.94
N LYS B 113 -7.99 2.91 4.85
CA LYS B 113 -7.85 1.45 5.09
C LYS B 113 -8.33 1.11 6.54
N VAL B 114 -7.91 1.92 7.49
CA VAL B 114 -8.33 1.77 8.89
C VAL B 114 -9.82 2.04 9.04
N HIS B 115 -10.28 3.13 8.43
CA HIS B 115 -11.70 3.43 8.43
C HIS B 115 -12.54 2.22 8.05
N MET B 116 -12.15 1.53 6.99
CA MET B 116 -12.98 0.44 6.50
C MET B 116 -13.10 -0.70 7.50
N GLU B 117 -12.02 -0.95 8.24
CA GLU B 117 -12.03 -1.96 9.30
C GLU B 117 -12.92 -1.59 10.50
N VAL B 118 -12.98 -0.29 10.82
CA VAL B 118 -13.83 0.17 11.90
C VAL B 118 -15.26 0.04 11.47
N ALA B 119 -15.55 0.49 10.24
CA ALA B 119 -16.89 0.39 9.73
C ALA B 119 -17.34 -1.08 9.65
N ARG B 120 -16.41 -2.00 9.44
CA ARG B 120 -16.79 -3.44 9.45
C ARG B 120 -17.15 -3.94 10.86
N ALA B 121 -16.33 -3.60 11.84
CA ALA B 121 -16.59 -3.94 13.24
C ALA B 121 -17.95 -3.41 13.63
N SER B 122 -18.26 -2.19 13.20
CA SER B 122 -19.53 -1.55 13.54
C SER B 122 -20.70 -2.31 12.96
N ARG B 123 -20.59 -2.72 11.69
CA ARG B 123 -21.62 -3.53 11.06
C ARG B 123 -21.86 -4.88 11.73
N ARG B 124 -20.78 -5.53 12.19
CA ARG B 124 -20.93 -6.79 12.92
C ARG B 124 -21.43 -6.58 14.36
N GLY B 125 -21.64 -5.34 14.79
CA GLY B 125 -21.98 -5.03 16.18
C GLY B 125 -20.94 -5.47 17.20
N GLU B 126 -19.67 -5.43 16.80
CA GLU B 126 -18.57 -5.96 17.60
C GLU B 126 -17.65 -4.86 18.00
N GLU B 127 -17.10 -4.95 19.22
CA GLU B 127 -16.45 -3.79 19.81
C GLU B 127 -15.04 -3.56 19.26
N SER B 128 -14.62 -2.29 19.24
CA SER B 128 -13.33 -1.90 18.68
C SER B 128 -12.58 -0.99 19.60
N ILE B 129 -11.27 -1.12 19.63
CA ILE B 129 -10.39 -0.27 20.40
C ILE B 129 -9.44 0.39 19.43
N LEU B 130 -9.38 1.70 19.52
CA LEU B 130 -8.34 2.48 18.83
C LEU B 130 -7.20 2.94 19.73
N ILE B 131 -5.99 2.74 19.26
CA ILE B 131 -4.80 3.28 19.88
C ILE B 131 -4.50 4.59 19.21
N GLY B 132 -4.58 5.67 19.97
CA GLY B 132 -4.41 6.99 19.39
C GLY B 132 -4.47 8.09 20.41
N HIS B 133 -4.23 9.33 19.97
CA HIS B 133 -4.24 10.50 20.88
C HIS B 133 -5.56 11.25 20.80
N ALA B 134 -6.23 11.40 21.95
CA ALA B 134 -7.47 12.13 22.07
C ALA B 134 -7.36 13.51 21.42
N GLY B 135 -8.36 13.90 20.65
CA GLY B 135 -8.36 15.24 20.08
C GLY B 135 -7.73 15.36 18.70
N HIS B 136 -6.92 14.41 18.28
CA HIS B 136 -6.38 14.46 16.95
C HIS B 136 -7.48 14.26 15.88
N PRO B 137 -7.44 15.06 14.77
CA PRO B 137 -8.49 14.91 13.76
C PRO B 137 -8.55 13.51 13.14
N GLU B 138 -7.41 12.84 12.99
CA GLU B 138 -7.45 11.43 12.50
C GLU B 138 -8.23 10.53 13.49
N VAL B 139 -8.06 10.77 14.78
CA VAL B 139 -8.79 10.00 15.84
C VAL B 139 -10.29 10.26 15.79
N GLU B 140 -10.66 11.52 15.58
CA GLU B 140 -12.08 11.89 15.41
C GLU B 140 -12.63 11.23 14.23
N GLY B 141 -11.88 11.23 13.11
CA GLY B 141 -12.40 10.60 11.91
C GLY B 141 -12.60 9.10 11.99
N THR B 142 -11.63 8.43 12.64
CA THR B 142 -11.58 6.96 12.72
C THR B 142 -12.65 6.48 13.72
N MET B 143 -12.72 7.13 14.86
CA MET B 143 -13.80 6.80 15.82
C MET B 143 -15.15 7.02 15.23
N GLY B 144 -15.24 8.03 14.37
CA GLY B 144 -16.46 8.40 13.69
C GLY B 144 -16.85 7.52 12.55
N GLN B 145 -16.16 6.42 12.32
CA GLN B 145 -16.63 5.37 11.44
C GLN B 145 -17.52 4.35 12.15
N TYR B 146 -17.50 4.37 13.49
CA TYR B 146 -18.28 3.39 14.31
C TYR B 146 -19.60 3.98 14.74
N SER B 147 -20.71 3.33 14.44
CA SER B 147 -22.01 3.92 14.81
C SER B 147 -22.98 2.95 15.51
N ASN B 148 -22.56 1.73 15.88
CA ASN B 148 -23.50 0.73 16.44
C ASN B 148 -23.54 0.80 17.97
N PRO B 149 -24.69 1.21 18.54
CA PRO B 149 -24.73 1.31 20.00
C PRO B 149 -24.71 -0.06 20.72
N GLU B 150 -24.97 -1.16 20.02
CA GLU B 150 -24.84 -2.50 20.62
C GLU B 150 -23.42 -3.00 20.76
N GLY B 151 -22.45 -2.34 20.10
CA GLY B 151 -21.05 -2.55 20.34
C GLY B 151 -20.47 -1.39 21.11
N GLY B 152 -19.29 -0.96 20.73
CA GLY B 152 -18.66 0.19 21.38
C GLY B 152 -17.37 0.48 20.66
N MET B 153 -16.80 1.65 20.89
CA MET B 153 -15.55 2.10 20.26
C MET B 153 -14.80 2.86 21.30
N TYR B 154 -13.66 2.33 21.71
CA TYR B 154 -12.96 2.85 22.84
C TYR B 154 -11.63 3.38 22.37
N LEU B 155 -11.18 4.48 22.96
CA LEU B 155 -9.84 5.01 22.71
C LEU B 155 -8.91 4.71 23.87
N VAL B 156 -7.73 4.16 23.59
CA VAL B 156 -6.65 4.05 24.58
C VAL B 156 -5.38 4.75 24.07
N GLU B 157 -4.64 5.39 24.98
CA GLU B 157 -3.39 6.01 24.66
C GLU B 157 -2.18 5.33 25.23
N SER B 158 -2.37 4.43 26.17
CA SER B 158 -1.26 3.90 26.99
C SER B 158 -1.61 2.51 27.55
N PRO B 159 -0.61 1.74 28.05
CA PRO B 159 -0.88 0.48 28.77
C PRO B 159 -1.80 0.73 30.00
N ASP B 160 -1.56 1.78 30.78
CA ASP B 160 -2.47 2.01 31.90
CA ASP B 160 -2.45 2.10 31.89
C ASP B 160 -3.91 2.22 31.44
N ASP B 161 -4.14 2.89 30.30
CA ASP B 161 -5.51 3.01 29.74
C ASP B 161 -6.10 1.64 29.43
N VAL B 162 -5.29 0.73 28.93
CA VAL B 162 -5.76 -0.63 28.63
C VAL B 162 -6.17 -1.33 29.92
N TRP B 163 -5.31 -1.17 30.93
CA TRP B 163 -5.48 -1.94 32.18
C TRP B 163 -6.77 -1.48 32.89
N LYS B 164 -7.20 -0.24 32.67
CA LYS B 164 -8.43 0.26 33.30
C LYS B 164 -9.69 0.08 32.43
N LEU B 165 -9.55 -0.43 31.20
CA LEU B 165 -10.66 -0.49 30.26
C LEU B 165 -11.65 -1.62 30.56
N THR B 166 -12.93 -1.24 30.59
CA THR B 166 -14.06 -2.17 30.64
C THR B 166 -14.73 -2.26 29.25
N VAL B 167 -15.06 -3.51 28.87
CA VAL B 167 -15.63 -3.88 27.58
C VAL B 167 -16.83 -4.81 27.81
N LYS B 168 -17.80 -4.84 26.90
CA LYS B 168 -19.01 -5.64 27.08
C LYS B 168 -18.81 -7.07 26.64
N ASN B 169 -18.05 -7.30 25.58
CA ASN B 169 -17.81 -8.67 25.18
C ASN B 169 -16.42 -8.85 24.67
N GLU B 170 -15.56 -9.37 25.53
CA GLU B 170 -14.15 -9.42 25.17
C GLU B 170 -13.81 -10.58 24.24
N GLU B 171 -14.79 -11.43 23.92
CA GLU B 171 -14.59 -12.52 22.97
C GLU B 171 -14.65 -12.08 21.51
N LYS B 172 -15.34 -10.94 21.24
CA LYS B 172 -15.50 -10.33 19.91
C LYS B 172 -14.94 -8.90 19.95
N LEU B 173 -13.63 -8.77 19.90
CA LEU B 173 -12.95 -7.49 20.12
C LEU B 173 -11.89 -7.34 19.05
N SER B 174 -11.84 -6.17 18.44
CA SER B 174 -10.76 -5.87 17.49
C SER B 174 -10.04 -4.58 17.85
N PHE B 175 -8.81 -4.40 17.36
CA PHE B 175 -8.15 -3.11 17.54
C PHE B 175 -7.57 -2.56 16.22
N MET B 176 -7.30 -1.24 16.27
CA MET B 176 -6.78 -0.46 15.18
C MET B 176 -5.89 0.60 15.79
N THR B 177 -5.10 1.27 14.95
CA THR B 177 -4.21 2.33 15.44
C THR B 177 -4.25 3.57 14.56
N GLN B 178 -3.89 4.70 15.17
CA GLN B 178 -3.57 5.91 14.47
C GLN B 178 -2.31 5.64 13.64
N THR B 179 -2.21 6.32 12.51
CA THR B 179 -1.12 6.05 11.53
C THR B 179 0.22 6.66 11.87
N THR B 180 0.29 7.63 12.80
CA THR B 180 1.48 8.42 12.99
C THR B 180 2.04 8.27 14.39
N LEU B 181 1.69 7.19 15.05
CA LEU B 181 2.18 6.95 16.41
C LEU B 181 3.65 6.56 16.52
N SER B 182 4.23 6.66 17.72
CA SER B 182 5.48 5.97 18.00
C SER B 182 5.33 4.47 17.83
N VAL B 183 6.19 3.87 17.00
CA VAL B 183 6.22 2.47 16.78
C VAL B 183 6.46 1.74 18.13
N ASP B 184 7.48 2.18 18.85
CA ASP B 184 7.82 1.55 20.11
C ASP B 184 6.73 1.66 21.19
N ASP B 185 6.19 2.86 21.41
CA ASP B 185 5.16 3.02 22.41
C ASP B 185 3.95 2.22 22.07
N THR B 186 3.63 2.18 20.80
CA THR B 186 2.43 1.49 20.35
C THR B 186 2.58 -0.03 20.59
N SER B 187 3.74 -0.56 20.33
CA SER B 187 4.04 -1.94 20.63
C SER B 187 3.73 -2.28 22.11
N ASP B 188 4.09 -1.37 23.03
CA ASP B 188 3.76 -1.53 24.49
C ASP B 188 2.24 -1.64 24.74
N VAL B 189 1.44 -0.84 24.03
CA VAL B 189 -0.01 -0.81 24.17
C VAL B 189 -0.58 -2.10 23.64
N ILE B 190 -0.03 -2.54 22.52
CA ILE B 190 -0.54 -3.75 21.91
C ILE B 190 -0.23 -4.95 22.81
N ASP B 191 0.96 -4.98 23.36
CA ASP B 191 1.32 -6.05 24.33
C ASP B 191 0.31 -6.09 25.49
N ALA B 192 0.00 -4.92 26.06
CA ALA B 192 -1.03 -4.82 27.08
C ALA B 192 -2.39 -5.30 26.62
N LEU B 193 -2.82 -4.95 25.41
CA LEU B 193 -4.10 -5.36 24.91
C LEU B 193 -4.17 -6.87 24.78
N ARG B 194 -3.10 -7.48 24.32
CA ARG B 194 -3.11 -8.97 24.19
C ARG B 194 -3.02 -9.72 25.50
N LYS B 195 -2.40 -9.13 26.52
CA LYS B 195 -2.40 -9.74 27.87
C LYS B 195 -3.77 -9.63 28.50
N ARG B 196 -4.38 -8.47 28.36
CA ARG B 196 -5.69 -8.21 28.94
C ARG B 196 -6.84 -8.93 28.23
N PHE B 197 -6.78 -8.97 26.91
CA PHE B 197 -7.85 -9.46 26.05
C PHE B 197 -7.32 -10.49 25.04
N PRO B 198 -7.11 -11.73 25.47
CA PRO B 198 -6.32 -12.65 24.61
C PRO B 198 -6.97 -13.03 23.32
N LYS B 199 -8.27 -12.81 23.16
CA LYS B 199 -8.95 -13.12 21.92
C LYS B 199 -8.97 -11.92 20.93
N ILE B 200 -8.39 -10.79 21.33
CA ILE B 200 -8.46 -9.58 20.47
C ILE B 200 -7.84 -9.83 19.09
N VAL B 201 -8.49 -9.30 18.07
CA VAL B 201 -7.99 -9.41 16.73
C VAL B 201 -7.49 -8.06 16.22
N GLY B 202 -6.38 -8.09 15.53
CA GLY B 202 -5.85 -6.87 14.90
C GLY B 202 -5.06 -7.17 13.65
N PRO B 203 -4.29 -6.17 13.17
CA PRO B 203 -3.35 -6.37 12.07
C PRO B 203 -2.16 -7.20 12.54
N ARG B 204 -1.30 -7.61 11.62
CA ARG B 204 -0.12 -8.34 12.08
C ARG B 204 0.61 -7.54 13.17
N LYS B 205 0.81 -6.24 12.96
CA LYS B 205 1.59 -5.44 13.89
C LYS B 205 0.78 -4.23 14.36
N ASP B 206 0.54 -3.26 13.47
CA ASP B 206 -0.24 -2.07 13.81
C ASP B 206 -0.72 -1.41 12.48
N ASP B 207 -1.41 -0.28 12.57
CA ASP B 207 -1.83 0.47 11.40
C ASP B 207 -0.91 1.71 11.20
N ILE B 208 0.21 1.76 11.86
CA ILE B 208 1.21 2.79 11.62
C ILE B 208 1.73 2.69 10.17
N CYS B 209 1.75 3.81 9.47
CA CYS B 209 1.99 3.75 8.01
C CYS B 209 3.45 3.60 7.73
N TYR B 210 3.78 3.25 6.49
CA TYR B 210 5.16 3.01 6.08
C TYR B 210 5.97 4.27 6.30
N ALA B 211 5.36 5.43 6.08
CA ALA B 211 6.11 6.70 6.12
C ALA B 211 6.52 7.05 7.53
N THR B 212 5.62 6.84 8.48
CA THR B 212 5.93 6.96 9.89
C THR B 212 7.02 6.00 10.36
N THR B 213 6.86 4.72 10.04
CA THR B 213 7.84 3.72 10.42
C THR B 213 9.22 4.09 9.86
N ASN B 214 9.25 4.48 8.60
CA ASN B 214 10.52 4.75 7.90
C ASN B 214 11.17 6.02 8.48
N ARG B 215 10.36 7.07 8.76
CA ARG B 215 10.94 8.34 9.24
C ARG B 215 11.44 8.18 10.65
N GLN B 216 10.73 7.35 11.46
CA GLN B 216 11.27 6.98 12.72
C GLN B 216 12.58 6.17 12.66
N GLU B 217 12.65 5.15 11.82
CA GLU B 217 13.86 4.40 11.68
C GLU B 217 14.99 5.31 11.21
N ALA B 218 14.72 6.19 10.26
CA ALA B 218 15.74 7.15 9.76
C ALA B 218 16.22 8.13 10.80
N VAL B 219 15.34 8.66 11.65
CA VAL B 219 15.81 9.57 12.71
C VAL B 219 16.56 8.81 13.79
N ARG B 220 16.25 7.53 13.96
CA ARG B 220 17.11 6.67 14.76
C ARG B 220 18.55 6.61 14.25
N ALA B 221 18.76 6.24 12.98
CA ALA B 221 20.15 6.28 12.39
C ALA B 221 20.84 7.67 12.49
N LEU B 222 20.11 8.73 12.20
CA LEU B 222 20.61 10.10 12.28
C LEU B 222 21.06 10.42 13.68
N ALA B 223 20.23 10.11 14.65
CA ALA B 223 20.52 10.49 16.01
C ALA B 223 21.75 9.76 16.53
N GLU B 224 22.03 8.57 16.04
CA GLU B 224 23.24 7.87 16.48
C GLU B 224 24.50 8.68 16.14
N GLN B 225 24.44 9.52 15.13
CA GLN B 225 25.62 10.30 14.69
C GLN B 225 25.60 11.78 15.09
N ALA B 226 24.43 12.38 15.07
CA ALA B 226 24.27 13.82 15.33
C ALA B 226 24.15 14.09 16.81
N GLU B 227 24.75 15.19 17.27
CA GLU B 227 24.54 15.70 18.63
C GLU B 227 23.20 16.42 18.76
N VAL B 228 22.83 17.14 17.72
CA VAL B 228 21.62 17.95 17.72
C VAL B 228 20.81 17.57 16.53
N VAL B 229 19.49 17.36 16.72
CA VAL B 229 18.59 17.00 15.64
C VAL B 229 17.50 18.08 15.46
N LEU B 230 17.43 18.68 14.27
CA LEU B 230 16.36 19.61 13.93
C LEU B 230 15.28 18.87 13.17
N VAL B 231 14.05 18.89 13.67
CA VAL B 231 12.98 18.33 12.92
C VAL B 231 12.15 19.47 12.38
N VAL B 232 11.98 19.47 11.05
CA VAL B 232 11.10 20.44 10.38
C VAL B 232 9.65 19.95 10.41
N GLY B 233 8.76 20.76 10.99
CA GLY B 233 7.40 20.36 11.26
C GLY B 233 6.70 21.32 12.21
N SER B 234 5.38 21.38 12.12
CA SER B 234 4.59 22.22 12.99
C SER B 234 4.19 21.54 14.30
N LYS B 235 3.81 22.36 15.27
CA LYS B 235 3.49 21.86 16.59
C LYS B 235 2.31 20.91 16.61
N ASN B 236 1.39 21.02 15.64
CA ASN B 236 0.19 20.19 15.60
C ASN B 236 0.32 18.93 14.74
N SER B 237 1.54 18.70 14.28
CA SER B 237 1.85 17.50 13.47
C SER B 237 2.23 16.35 14.40
N SER B 238 1.33 15.36 14.52
CA SER B 238 1.64 14.20 15.33
C SER B 238 2.96 13.54 14.87
N ASN B 239 3.05 13.24 13.59
CA ASN B 239 4.25 12.48 13.14
C ASN B 239 5.53 13.23 13.39
N SER B 240 5.49 14.56 13.25
CA SER B 240 6.70 15.37 13.45
C SER B 240 7.11 15.34 14.91
N ASN B 241 6.15 15.50 15.82
CA ASN B 241 6.44 15.39 17.27
C ASN B 241 7.09 14.04 17.62
N ARG B 242 6.65 12.97 16.97
CA ARG B 242 7.25 11.63 17.23
C ARG B 242 8.72 11.58 16.88
N LEU B 243 9.08 12.26 15.81
CA LEU B 243 10.48 12.31 15.35
C LEU B 243 11.33 13.05 16.34
N ALA B 244 10.85 14.19 16.82
CA ALA B 244 11.61 14.98 17.80
C ALA B 244 11.78 14.20 19.09
N GLU B 245 10.72 13.60 19.57
CA GLU B 245 10.76 12.82 20.84
C GLU B 245 11.68 11.62 20.73
N LEU B 246 11.73 10.99 19.56
CA LEU B 246 12.57 9.82 19.37
C LEU B 246 14.04 10.20 19.56
N ALA B 247 14.44 11.25 18.89
CA ALA B 247 15.81 11.81 18.97
C ALA B 247 16.19 12.19 20.41
N GLN B 248 15.24 12.79 21.10
CA GLN B 248 15.45 13.19 22.47
C GLN B 248 15.56 11.98 23.39
N ARG B 249 14.69 11.01 23.20
CA ARG B 249 14.70 9.79 23.99
C ARG B 249 16.03 9.05 23.82
N MET B 250 16.65 9.17 22.65
CA MET B 250 18.03 8.70 22.46
C MET B 250 19.17 9.55 23.07
N GLY B 251 18.82 10.65 23.73
CA GLY B 251 19.75 11.45 24.52
C GLY B 251 20.44 12.53 23.76
N LYS B 252 19.88 12.86 22.60
CA LYS B 252 20.35 13.99 21.78
C LYS B 252 19.42 15.20 22.03
N ARG B 253 19.92 16.40 21.80
CA ARG B 253 19.06 17.58 21.85
C ARG B 253 18.26 17.70 20.57
N ALA B 254 16.94 17.82 20.67
CA ALA B 254 16.07 17.85 19.51
C ALA B 254 15.17 19.06 19.53
N PHE B 255 14.93 19.64 18.34
CA PHE B 255 14.13 20.82 18.28
C PHE B 255 13.16 20.70 17.15
N LEU B 256 11.88 20.94 17.44
CA LEU B 256 10.84 20.94 16.44
C LEU B 256 10.75 22.36 15.88
N ILE B 257 10.95 22.58 14.58
CA ILE B 257 10.93 23.94 14.04
C ILE B 257 10.03 24.03 12.80
N ASP B 258 9.34 25.16 12.63
CA ASP B 258 8.53 25.29 11.41
C ASP B 258 9.40 25.68 10.24
N ASP B 259 10.44 26.45 10.50
CA ASP B 259 11.31 26.94 9.41
C ASP B 259 12.64 27.47 9.92
N ALA B 260 13.56 27.77 8.99
CA ALA B 260 14.92 28.27 9.35
C ALA B 260 15.01 29.49 10.34
N LYS B 261 13.95 30.32 10.34
CA LYS B 261 13.86 31.51 11.24
C LYS B 261 13.82 31.14 12.70
N ASP B 262 13.18 30.00 13.03
CA ASP B 262 13.12 29.46 14.39
C ASP B 262 14.48 29.07 14.95
N ILE B 263 15.47 28.80 14.10
CA ILE B 263 16.76 28.29 14.59
C ILE B 263 17.48 29.37 15.37
N GLN B 264 17.89 29.02 16.57
CA GLN B 264 18.55 29.96 17.47
C GLN B 264 20.00 29.56 17.43
N GLU B 265 20.91 30.53 17.30
CA GLU B 265 22.33 30.18 17.12
C GLU B 265 22.98 29.48 18.33
N GLU B 266 22.48 29.74 19.54
CA GLU B 266 22.97 29.02 20.73
C GLU B 266 22.83 27.48 20.58
N TRP B 267 21.86 27.03 19.80
CA TRP B 267 21.51 25.60 19.71
C TRP B 267 22.63 24.78 19.09
N VAL B 268 23.33 25.39 18.14
CA VAL B 268 24.34 24.70 17.36
C VAL B 268 25.76 25.24 17.55
N LYS B 269 25.97 26.11 18.54
CA LYS B 269 27.32 26.63 18.74
C LYS B 269 28.21 25.48 19.21
N GLU B 270 29.33 25.31 18.51
CA GLU B 270 30.33 24.28 18.84
C GLU B 270 29.82 22.84 18.71
N VAL B 271 28.84 22.64 17.84
CA VAL B 271 28.34 21.29 17.56
C VAL B 271 29.12 20.75 16.37
N LYS B 272 29.71 19.56 16.52
CA LYS B 272 30.48 18.92 15.43
C LYS B 272 29.53 18.41 14.35
N CYS B 273 28.35 17.94 14.78
CA CYS B 273 27.45 17.25 13.89
C CYS B 273 25.99 17.61 14.17
N VAL B 274 25.29 18.14 13.16
CA VAL B 274 23.90 18.50 13.31
C VAL B 274 23.08 17.73 12.28
N GLY B 275 22.03 17.08 12.78
CA GLY B 275 21.10 16.32 11.96
C GLY B 275 19.89 17.13 11.58
N VAL B 276 19.42 16.96 10.36
CA VAL B 276 18.16 17.55 9.96
C VAL B 276 17.20 16.49 9.42
N THR B 277 15.97 16.49 9.94
CA THR B 277 14.94 15.74 9.27
C THR B 277 13.69 16.60 9.15
N ALA B 278 12.61 15.95 8.71
CA ALA B 278 11.36 16.60 8.42
C ALA B 278 10.22 15.61 8.52
N GLY B 279 9.13 16.05 9.11
CA GLY B 279 7.89 15.30 9.17
C GLY B 279 7.24 15.16 7.81
N ALA B 280 6.21 14.33 7.74
CA ALA B 280 5.61 13.91 6.50
C ALA B 280 4.88 15.06 5.82
N SER B 281 4.56 16.08 6.59
CA SER B 281 3.87 17.24 6.06
C SER B 281 4.74 18.49 5.75
N ALA B 282 6.08 18.40 5.93
CA ALA B 282 6.99 19.53 5.67
C ALA B 282 7.60 19.51 4.28
N PRO B 283 7.43 20.59 3.49
CA PRO B 283 8.00 20.49 2.15
C PRO B 283 9.51 20.65 2.11
N ASP B 284 10.10 20.11 1.05
CA ASP B 284 11.53 20.07 0.98
C ASP B 284 12.19 21.47 0.98
N ILE B 285 11.49 22.47 0.48
CA ILE B 285 12.12 23.81 0.38
C ILE B 285 12.42 24.32 1.79
N LEU B 286 11.57 23.97 2.76
CA LEU B 286 11.86 24.25 4.16
C LEU B 286 13.16 23.62 4.67
N VAL B 287 13.45 22.38 4.28
CA VAL B 287 14.71 21.72 4.71
C VAL B 287 15.87 22.43 4.00
N GLN B 288 15.67 22.75 2.72
CA GLN B 288 16.69 23.48 1.94
C GLN B 288 17.05 24.76 2.64
N ASN B 289 16.05 25.53 3.07
CA ASN B 289 16.33 26.80 3.79
C ASN B 289 16.99 26.57 5.16
N VAL B 290 16.60 25.48 5.81
CA VAL B 290 17.26 25.12 7.08
C VAL B 290 18.74 24.85 6.90
N VAL B 291 19.08 24.11 5.87
CA VAL B 291 20.46 23.73 5.62
C VAL B 291 21.28 25.00 5.34
N ALA B 292 20.64 25.97 4.65
CA ALA B 292 21.27 27.25 4.27
C ALA B 292 21.54 28.07 5.50
N ARG B 293 20.56 28.17 6.39
CA ARG B 293 20.79 28.82 7.67
C ARG B 293 21.89 28.12 8.48
N LEU B 294 21.90 26.80 8.48
CA LEU B 294 22.96 26.07 9.17
C LEU B 294 24.33 26.41 8.58
N GLN B 295 24.32 26.68 7.27
CA GLN B 295 25.59 26.93 6.56
C GLN B 295 26.17 28.31 6.98
N GLN B 296 25.29 29.30 7.12
CA GLN B 296 25.60 30.62 7.68
C GLN B 296 26.18 30.50 9.08
N LEU B 297 25.72 29.50 9.79
CA LEU B 297 26.23 29.24 11.12
C LEU B 297 27.45 28.34 11.12
N GLY B 298 27.97 27.96 9.95
CA GLY B 298 29.31 27.35 9.87
C GLY B 298 29.37 25.88 9.49
N GLY B 299 28.28 25.36 8.94
CA GLY B 299 28.26 23.99 8.44
C GLY B 299 28.65 23.90 6.98
N GLY B 300 28.98 22.69 6.54
CA GLY B 300 29.40 22.44 5.17
C GLY B 300 28.30 21.93 4.26
N GLU B 301 28.72 21.12 3.30
CA GLU B 301 27.84 20.46 2.36
C GLU B 301 26.96 19.53 3.16
N ALA B 302 25.67 19.58 2.92
CA ALA B 302 24.75 18.68 3.60
C ALA B 302 25.01 17.29 3.07
N ILE B 303 25.22 16.33 3.97
CA ILE B 303 25.36 14.93 3.55
C ILE B 303 24.07 14.14 3.90
N PRO B 304 23.36 13.63 2.87
CA PRO B 304 22.27 12.69 3.12
C PRO B 304 22.75 11.29 3.56
N LEU B 305 22.06 10.69 4.52
CA LEU B 305 22.41 9.34 4.93
C LEU B 305 21.78 8.33 3.96
N GLU B 306 22.31 7.12 3.89
CA GLU B 306 21.71 6.07 3.07
C GLU B 306 20.41 5.69 3.77
N GLY B 307 19.35 5.41 3.02
CA GLY B 307 18.05 5.19 3.61
C GLY B 307 17.30 4.09 2.95
N ARG B 308 16.28 3.60 3.64
CA ARG B 308 15.32 2.74 3.01
C ARG B 308 14.64 3.52 1.86
N GLU B 309 14.65 2.94 0.67
CA GLU B 309 13.96 3.50 -0.49
C GLU B 309 12.42 3.47 -0.28
N GLU B 310 11.75 4.59 -0.61
CA GLU B 310 10.30 4.64 -0.71
C GLU B 310 9.92 4.70 -2.18
N ASN B 311 8.96 3.88 -2.62
CA ASN B 311 8.55 3.86 -4.03
C ASN B 311 7.06 4.11 -4.22
N ILE B 312 6.36 4.37 -3.13
CA ILE B 312 4.91 4.48 -3.20
C ILE B 312 4.50 5.91 -3.55
N VAL B 313 3.64 5.98 -4.56
CA VAL B 313 2.96 7.21 -5.00
C VAL B 313 1.44 6.98 -4.97
N PHE B 314 0.68 7.97 -4.48
CA PHE B 314 -0.76 7.93 -4.64
C PHE B 314 -1.23 9.04 -5.62
N GLU B 315 -1.86 8.68 -6.73
CA GLU B 315 -2.28 9.70 -7.72
C GLU B 315 -3.52 10.49 -7.28
N VAL B 316 -3.68 11.71 -7.81
CA VAL B 316 -4.89 12.48 -7.57
C VAL B 316 -6.02 11.92 -8.38
N PRO B 317 -7.26 12.22 -7.99
CA PRO B 317 -8.38 11.75 -8.77
C PRO B 317 -8.21 12.19 -10.23
N LYS B 318 -8.74 11.39 -11.17
CA LYS B 318 -8.57 11.65 -12.62
C LYS B 318 -9.10 13.06 -13.00
N GLU B 319 -10.27 13.41 -12.47
CA GLU B 319 -10.87 14.77 -12.62
C GLU B 319 -9.88 15.89 -12.27
N LEU B 320 -8.91 15.64 -11.39
CA LEU B 320 -7.97 16.69 -11.00
C LEU B 320 -6.60 16.62 -11.65
N ARG B 321 -6.46 15.83 -12.71
CA ARG B 321 -5.19 15.75 -13.41
C ARG B 321 -4.80 17.08 -14.04
N VAL B 322 -3.55 17.50 -13.88
CA VAL B 322 -2.99 18.74 -14.53
C VAL B 322 -1.83 18.32 -15.47
FE1 SF4 C . 0.81 -8.82 -8.18
FE2 SF4 C . -0.85 -7.48 -6.99
FE3 SF4 C . 1.65 -6.65 -7.14
FE4 SF4 C . 0.15 -6.54 -9.27
S1 SF4 C . -0.14 -5.28 -7.40
S2 SF4 C . 2.21 -7.28 -9.26
S3 SF4 C . -1.32 -8.22 -9.08
S4 SF4 C . 0.87 -8.44 -5.96
C1 2E4 D . 3.38 -10.85 -8.86
C2 2E4 D . 2.40 -11.16 -7.96
O14 2E4 D . 0.95 -14.29 -10.13
P13 2E4 D . 0.22 -14.17 -11.45
O15 2E4 D . -1.22 -13.79 -11.47
O16 2E4 D . 0.51 -15.60 -12.11
O12 2E4 D . 1.29 -13.19 -12.15
P9 2E4 D . 0.92 -12.15 -13.38
O10 2E4 D . 2.31 -11.77 -13.78
O11 2E4 D . -0.22 -12.61 -14.27
O8 2E4 D . 0.25 -10.89 -12.61
C7 2E4 D . 1.13 -9.99 -11.85
C5 2E4 D . 1.64 -10.42 -10.48
C6 2E4 D . 2.98 -10.48 -10.15
C4 2E4 D . 0.70 -10.69 -9.49
N3 2E4 D . 1.08 -11.06 -8.28
FE1 SF4 E . -0.29 9.94 6.93
FE2 SF4 E . 1.11 8.04 6.43
FE3 SF4 E . -0.71 8.70 4.67
FE4 SF4 E . 1.41 10.19 4.92
S1 SF4 E . 1.39 8.05 4.11
S2 SF4 E . -0.60 10.97 4.82
S3 SF4 E . 2.05 10.02 7.11
S4 SF4 E . -1.10 7.81 6.72
C1 2E4 F . -2.91 11.86 7.59
C2 2E4 F . -2.50 10.79 8.37
O14 2E4 F . -1.51 13.19 11.59
P13 2E4 F . -0.41 14.18 11.57
O15 2E4 F . 1.05 13.75 11.84
O16 2E4 F . -0.62 15.25 12.74
O12 2E4 F . -0.76 14.89 10.17
P9 2E4 F . 0.46 15.70 9.33
O10 2E4 F . -0.49 16.40 8.36
O11 2E4 F . 1.62 16.30 10.11
O8 2E4 F . 1.09 14.51 8.42
C7 2E4 F . 0.37 13.83 7.36
C5 2E4 F . -0.64 12.72 7.70
C6 2E4 F . -1.96 12.81 7.28
C4 2E4 F . -0.29 11.64 8.46
N3 2E4 F . -1.22 10.71 8.77
#